data_6DTA
#
_entry.id   6DTA
#
_cell.length_a   175.049
_cell.length_b   175.049
_cell.length_c   76.598
_cell.angle_alpha   90.00
_cell.angle_beta   90.00
_cell.angle_gamma   90.00
#
_symmetry.space_group_name_H-M   'I 4'
#
loop_
_entity.id
_entity.type
_entity.pdbx_description
1 polymer RNAP1
2 polymer RNAP2
3 polymer "DNA (5'-D(P*CP*CP*CP*AP*CP*CP*AP*AP*AP*AP*A)-3')"
4 polymer "RNA (5'-R(*UP*UP*GP*GP*UP*GP*G)-3')"
5 non-polymer "GUANOSINE-5'-TRIPHOSPHATE"
6 non-polymer 'MAGNESIUM ION'
7 water water
#
loop_
_entity_poly.entity_id
_entity_poly.type
_entity_poly.pdbx_seq_one_letter_code
_entity_poly.pdbx_strand_id
1 'polypeptide(L)'
;MSTIEHQMHLEKLYNKNQLLPRMRQEFEENSGIDFKAFFAHIGIDYKFGIDAMVQMALHKRADLPTLVGTLRHHCKSAQE
VADNLFKMASEDCFNFDPTIDKFIVIYTISDDVQHELDSFQYPLPMVVRPKLLTKNYGTGYFTCNKSVILKKNHTDDDIC
LDHLNRMNKIPLSINWDVAHMVKNEWANLDKPKEGETRQEFEKRVRAFQKYDRTAHEVMGLLTQEGNKFYLTHRPDKRGR
TYSQGYHVNYQGTSWNKAVLEFAEKEVID
;
A
2 'polypeptide(L)'
;MQTFTAREYLKIDIANNYGLDKEDWDDRIAWFDKNENNLLNLVREAEEPALFYAGVKAWMDVKEGKPIGYPVALDATSSG
LQILACLTGDRRAAELCNVVNYRDESGKVKRRDAYTVIYNKMLNTLGKGARIKRNDCKQAIMTALYGSEAKPKEVFGEGI
MLNVFESTMNVEAPAVWELNKFWLQCGNPEAFVYHWVMPDGFNVYIKVMVNEVETVHFLDKPYDCVRKVQGTEEKTRMLS
ANTTHSIDGLVVRELVRRCDYDKNQIEYIKALCNGEAEYKASEKNYGKAMELWGYYEKTGFLTARIFDYLDSETIKLVNT
QDILDLIESMPKKPFHVLTVHDCFRCLPNYGNDIRRQYNNLLATIAKGDLLSFIMSQVIGQEVTIGKLDPTLWEDVLETE
YALS
;
B
3 'polydeoxyribonucleotide'
;(DC)(DC)(DC)(DA)(DC)(DC)(DA)(DA)(DA)(DA)(DA)(DA)(DA)(DC)(DG)(DG)(DT)(DC)(DT)(DG)
(DC)(DG)(DA)(DA)(DT)(DC)(DT)(DC)(DT)(DC)(DT)(DG)(DA)(DT)(DT)(DC)(DG)(DC)(DA)(DG)
(DA)(DC)(DC)(DG)(DT)(DT)(DT)(DT)
;
C
4 'polyribonucleotide' UUUGGUGG D
#
loop_
_chem_comp.id
_chem_comp.type
_chem_comp.name
_chem_comp.formula
DA DNA linking 2'-DEOXYADENOSINE-5'-MONOPHOSPHATE 'C10 H14 N5 O6 P'
DC DNA linking 2'-DEOXYCYTIDINE-5'-MONOPHOSPHATE 'C9 H14 N3 O7 P'
DG DNA linking 2'-DEOXYGUANOSINE-5'-MONOPHOSPHATE 'C10 H14 N5 O7 P'
DT DNA linking THYMIDINE-5'-MONOPHOSPHATE 'C10 H15 N2 O8 P'
G RNA linking GUANOSINE-5'-MONOPHOSPHATE 'C10 H14 N5 O8 P'
GTP non-polymer GUANOSINE-5'-TRIPHOSPHATE 'C10 H16 N5 O14 P3'
MG non-polymer 'MAGNESIUM ION' 'Mg 2'
U RNA linking URIDINE-5'-MONOPHOSPHATE 'C9 H13 N2 O9 P'
#
# COMPACT_ATOMS: atom_id res chain seq x y z
N SER A 2 0.81 32.00 -10.37
CA SER A 2 1.72 32.21 -9.24
C SER A 2 1.84 30.89 -8.45
N THR A 3 0.75 30.19 -8.10
CA THR A 3 0.98 28.84 -7.59
C THR A 3 1.30 27.91 -8.75
N ILE A 4 0.61 28.10 -9.87
CA ILE A 4 0.99 27.44 -11.11
C ILE A 4 2.47 27.67 -11.38
N GLU A 5 2.94 28.90 -11.21
CA GLU A 5 4.36 29.15 -11.43
C GLU A 5 5.19 28.38 -10.42
N HIS A 6 4.79 28.41 -9.15
CA HIS A 6 5.54 27.69 -8.12
C HIS A 6 5.57 26.19 -8.43
N GLN A 7 4.44 25.66 -8.90
CA GLN A 7 4.39 24.26 -9.26
C GLN A 7 5.38 23.94 -10.38
N MET A 8 5.48 24.83 -11.38
CA MET A 8 6.41 24.58 -12.47
C MET A 8 7.84 24.61 -11.96
N HIS A 9 8.11 25.46 -10.96
CA HIS A 9 9.43 25.52 -10.36
C HIS A 9 9.74 24.19 -9.64
N LEU A 10 8.79 23.68 -8.85
CA LEU A 10 9.02 22.40 -8.17
C LEU A 10 9.30 21.30 -9.18
N GLU A 11 8.52 21.25 -10.24
CA GLU A 11 8.80 20.23 -11.25
C GLU A 11 10.14 20.48 -11.94
N LYS A 12 10.51 21.75 -12.12
CA LYS A 12 11.83 22.06 -12.66
C LYS A 12 12.93 21.49 -11.77
N LEU A 13 12.76 21.61 -10.44
CA LEU A 13 13.76 21.09 -9.51
C LEU A 13 13.81 19.58 -9.56
N TYR A 14 12.65 18.93 -9.61
CA TYR A 14 12.60 17.48 -9.67
C TYR A 14 13.27 16.96 -10.93
N ASN A 15 12.98 17.59 -12.09
CA ASN A 15 13.56 17.11 -13.35
C ASN A 15 15.08 17.32 -13.43
N LYS A 16 15.65 18.32 -12.76
CA LYS A 16 17.10 18.45 -12.79
C LYS A 16 17.78 17.52 -11.81
N ASN A 17 17.05 16.91 -10.89
CA ASN A 17 17.71 16.10 -9.88
C ASN A 17 17.32 14.63 -9.93
N GLN A 18 16.95 14.15 -11.12
CA GLN A 18 16.86 12.71 -11.33
C GLN A 18 18.21 12.12 -10.98
N LEU A 19 18.23 11.21 -10.01
CA LEU A 19 19.44 10.66 -9.40
C LEU A 19 20.58 10.41 -10.41
N LEU A 20 20.41 9.42 -11.28
CA LEU A 20 21.53 9.00 -12.12
C LEU A 20 21.96 10.08 -13.13
N PRO A 21 21.07 10.76 -13.87
CA PRO A 21 21.55 11.82 -14.78
C PRO A 21 22.26 12.94 -14.05
N ARG A 22 21.82 13.29 -12.85
CA ARG A 22 22.48 14.35 -12.12
C ARG A 22 23.88 13.92 -11.64
N MET A 23 24.02 12.65 -11.24
CA MET A 23 25.32 12.14 -10.83
C MET A 23 26.29 12.16 -11.99
N ARG A 24 25.85 11.70 -13.16
CA ARG A 24 26.68 11.70 -14.36
C ARG A 24 27.26 13.07 -14.63
N GLN A 25 26.44 14.12 -14.47
CA GLN A 25 26.94 15.48 -14.67
C GLN A 25 28.14 15.76 -13.78
N GLU A 26 28.12 15.25 -12.55
CA GLU A 26 29.27 15.47 -11.68
C GLU A 26 30.55 14.82 -12.21
N PHE A 27 30.44 13.77 -13.03
CA PHE A 27 31.64 13.17 -13.58
C PHE A 27 31.94 13.60 -15.01
N GLU A 28 31.03 14.32 -15.66
CA GLU A 28 31.23 14.79 -17.02
C GLU A 28 31.58 16.27 -17.02
N GLU A 29 30.57 17.13 -17.07
CA GLU A 29 30.79 18.56 -17.22
C GLU A 29 31.19 19.27 -15.93
N ASN A 30 31.31 18.58 -14.79
CA ASN A 30 31.68 19.28 -13.56
C ASN A 30 32.97 18.79 -12.94
N SER A 31 33.58 17.72 -13.46
CA SER A 31 34.82 17.21 -12.89
C SER A 31 36.02 17.98 -13.43
N GLY A 32 36.97 18.28 -12.54
CA GLY A 32 38.24 18.76 -13.02
C GLY A 32 38.93 17.68 -13.84
N ILE A 33 38.77 16.42 -13.41
CA ILE A 33 39.28 15.29 -14.14
C ILE A 33 38.55 15.21 -15.48
N ASP A 34 39.29 14.89 -16.54
CA ASP A 34 38.70 14.67 -17.86
C ASP A 34 38.56 13.16 -18.09
N PHE A 35 37.45 12.60 -17.58
CA PHE A 35 37.24 11.16 -17.63
C PHE A 35 37.12 10.64 -19.06
N LYS A 36 36.63 11.47 -20.00
CA LYS A 36 36.59 11.02 -21.40
C LYS A 36 37.97 10.59 -21.89
N ALA A 37 38.94 11.51 -21.84
CA ALA A 37 40.32 11.19 -22.21
C ALA A 37 40.88 9.98 -21.45
N PHE A 38 40.66 9.90 -20.14
CA PHE A 38 41.28 8.83 -19.37
C PHE A 38 40.68 7.47 -19.74
N PHE A 39 39.37 7.44 -19.94
CA PHE A 39 38.69 6.18 -20.27
C PHE A 39 39.08 5.70 -21.65
N ALA A 40 39.29 6.63 -22.59
CA ALA A 40 39.91 6.28 -23.86
C ALA A 40 41.27 5.62 -23.64
N HIS A 41 42.13 6.26 -22.85
CA HIS A 41 43.48 5.77 -22.54
C HIS A 41 43.50 4.31 -22.10
N ILE A 42 42.62 3.94 -21.16
CA ILE A 42 42.66 2.59 -20.62
C ILE A 42 41.70 1.66 -21.35
N GLY A 43 41.16 2.13 -22.47
CA GLY A 43 40.30 1.31 -23.30
C GLY A 43 39.05 0.84 -22.59
N ILE A 44 38.32 1.78 -21.98
CA ILE A 44 37.06 1.47 -21.32
C ILE A 44 35.98 2.36 -21.92
N ASP A 45 34.86 1.75 -22.29
CA ASP A 45 33.80 2.50 -22.95
C ASP A 45 33.36 3.68 -22.09
N TYR A 46 33.17 4.84 -22.73
CA TYR A 46 32.93 6.08 -22.00
C TYR A 46 31.70 6.00 -21.11
N LYS A 47 30.55 5.63 -21.68
CA LYS A 47 29.32 5.59 -20.90
C LYS A 47 29.40 4.55 -19.79
N PHE A 48 30.05 3.41 -20.06
CA PHE A 48 30.23 2.40 -19.02
C PHE A 48 30.99 2.95 -17.83
N GLY A 49 32.13 3.60 -18.08
CA GLY A 49 32.97 4.11 -17.00
C GLY A 49 32.29 5.15 -16.13
N ILE A 50 31.63 6.13 -16.76
CA ILE A 50 30.88 7.14 -16.01
C ILE A 50 29.83 6.49 -15.11
N ASP A 51 29.12 5.50 -15.64
CA ASP A 51 28.09 4.81 -14.86
C ASP A 51 28.71 4.08 -13.67
N ALA A 52 29.84 3.40 -13.88
CA ALA A 52 30.53 2.74 -12.78
C ALA A 52 30.96 3.76 -11.73
N MET A 53 31.50 4.89 -12.16
CA MET A 53 31.87 5.93 -11.22
C MET A 53 30.64 6.37 -10.43
N VAL A 54 29.54 6.62 -11.13
CA VAL A 54 28.28 7.01 -10.52
C VAL A 54 27.79 5.95 -9.52
N GLN A 55 27.74 4.68 -9.94
CA GLN A 55 27.34 3.61 -9.02
C GLN A 55 28.21 3.54 -7.79
N MET A 56 29.50 3.85 -7.92
CA MET A 56 30.37 3.84 -6.74
C MET A 56 30.16 5.06 -5.87
N ALA A 57 29.87 6.21 -6.46
CA ALA A 57 29.51 7.38 -5.64
C ALA A 57 28.20 7.19 -4.89
N LEU A 58 27.28 6.34 -5.40
CA LEU A 58 26.04 6.00 -4.67
C LEU A 58 26.28 5.01 -3.55
N HIS A 59 26.71 3.81 -3.92
CA HIS A 59 26.85 2.71 -2.98
C HIS A 59 27.95 2.96 -1.96
N LYS A 60 28.95 3.77 -2.29
CA LYS A 60 30.19 3.87 -1.50
C LYS A 60 30.93 2.53 -1.44
N ARG A 61 30.29 1.47 -0.95
CA ARG A 61 30.89 0.14 -1.00
C ARG A 61 29.90 -0.84 -1.64
N ALA A 62 30.40 -1.79 -2.43
CA ALA A 62 29.52 -2.69 -3.15
C ALA A 62 30.27 -3.98 -3.50
N ASP A 63 29.66 -5.11 -3.18
CA ASP A 63 30.16 -6.42 -3.61
C ASP A 63 30.01 -6.58 -5.11
N LEU A 64 30.71 -7.59 -5.65
CA LEU A 64 30.72 -7.76 -7.11
C LEU A 64 29.35 -8.00 -7.73
N PRO A 65 28.51 -8.93 -7.25
CA PRO A 65 27.22 -9.14 -7.94
C PRO A 65 26.36 -7.88 -7.94
N THR A 66 26.45 -7.06 -6.90
CA THR A 66 25.66 -5.83 -6.84
C THR A 66 26.05 -4.86 -7.94
N LEU A 67 27.35 -4.66 -8.12
CA LEU A 67 27.84 -3.65 -9.04
C LEU A 67 27.66 -4.07 -10.50
N VAL A 68 27.83 -5.35 -10.80
CA VAL A 68 27.58 -5.82 -12.15
C VAL A 68 26.11 -5.71 -12.53
N GLY A 69 25.21 -5.91 -11.57
CA GLY A 69 23.78 -5.80 -11.83
C GLY A 69 23.36 -4.47 -12.44
N THR A 70 23.81 -3.36 -11.84
CA THR A 70 23.45 -2.04 -12.33
C THR A 70 24.04 -1.73 -13.70
N LEU A 71 25.03 -2.49 -14.15
CA LEU A 71 25.78 -2.16 -15.36
C LEU A 71 25.64 -3.21 -16.46
N ARG A 72 24.98 -4.35 -16.17
CA ARG A 72 24.81 -5.46 -17.11
C ARG A 72 24.36 -5.04 -18.50
N HIS A 73 23.57 -3.96 -18.62
CA HIS A 73 23.00 -3.61 -19.91
C HIS A 73 24.00 -3.00 -20.88
N HIS A 74 25.27 -2.85 -20.49
CA HIS A 74 26.25 -2.22 -21.36
C HIS A 74 26.99 -3.22 -22.25
N CYS A 75 26.99 -4.51 -21.88
CA CYS A 75 27.78 -5.55 -22.53
C CYS A 75 26.92 -6.78 -22.88
N LYS A 76 27.41 -7.56 -23.84
CA LYS A 76 26.73 -8.80 -24.25
C LYS A 76 26.91 -9.94 -23.24
N SER A 77 27.85 -9.82 -22.31
CA SER A 77 28.17 -10.88 -21.36
C SER A 77 28.28 -10.36 -19.94
N ALA A 78 27.86 -11.19 -18.98
CA ALA A 78 28.12 -10.87 -17.57
C ALA A 78 29.62 -10.75 -17.31
N GLN A 79 30.42 -11.61 -17.94
CA GLN A 79 31.87 -11.62 -17.72
C GLN A 79 32.53 -10.34 -18.18
N GLU A 80 32.15 -9.84 -19.36
CA GLU A 80 32.72 -8.60 -19.88
C GLU A 80 32.59 -7.46 -18.87
N VAL A 81 31.48 -7.39 -18.13
CA VAL A 81 31.27 -6.33 -17.15
C VAL A 81 32.29 -6.41 -16.01
N ALA A 82 32.51 -7.61 -15.48
CA ALA A 82 33.41 -7.76 -14.33
C ALA A 82 34.85 -7.48 -14.72
N ASP A 83 35.24 -7.84 -15.94
CA ASP A 83 36.58 -7.54 -16.43
C ASP A 83 36.79 -6.04 -16.49
N ASN A 84 35.89 -5.34 -17.20
CA ASN A 84 35.94 -3.88 -17.22
C ASN A 84 36.07 -3.30 -15.81
N LEU A 85 35.41 -3.90 -14.81
CA LEU A 85 35.52 -3.38 -13.45
C LEU A 85 36.89 -3.61 -12.85
N PHE A 86 37.52 -4.75 -13.14
CA PHE A 86 38.89 -4.99 -12.72
C PHE A 86 39.81 -3.95 -13.37
N LYS A 87 39.70 -3.80 -14.69
CA LYS A 87 40.45 -2.77 -15.41
C LYS A 87 40.30 -1.40 -14.75
N MET A 88 39.10 -1.04 -14.29
CA MET A 88 38.98 0.29 -13.70
C MET A 88 39.57 0.29 -12.30
N ALA A 89 39.45 -0.80 -11.56
CA ALA A 89 40.01 -0.83 -10.21
C ALA A 89 41.54 -0.81 -10.24
N SER A 90 42.15 -1.40 -11.27
CA SER A 90 43.62 -1.45 -11.34
C SER A 90 44.17 -0.11 -11.79
N GLU A 91 43.35 0.68 -12.48
CA GLU A 91 43.74 2.02 -12.93
C GLU A 91 43.33 3.08 -11.91
N ASP A 92 43.00 2.64 -10.68
CA ASP A 92 42.71 3.51 -9.55
C ASP A 92 41.46 4.36 -9.75
N CYS A 93 40.50 3.90 -10.56
CA CYS A 93 39.20 4.55 -10.60
C CYS A 93 38.43 4.37 -9.30
N PHE A 94 38.67 3.27 -8.59
CA PHE A 94 38.17 2.97 -7.25
C PHE A 94 38.96 1.73 -6.83
N ASN A 95 38.85 1.36 -5.56
CA ASN A 95 39.60 0.22 -5.04
C ASN A 95 38.71 -1.00 -4.84
N PHE A 96 39.31 -2.18 -5.02
CA PHE A 96 38.76 -3.45 -4.55
C PHE A 96 39.66 -4.05 -3.47
N ASP A 97 39.07 -4.35 -2.31
CA ASP A 97 39.79 -4.91 -1.16
C ASP A 97 39.44 -6.39 -1.04
N PRO A 98 40.35 -7.32 -1.41
CA PRO A 98 40.01 -8.76 -1.43
C PRO A 98 39.65 -9.37 -0.10
N THR A 99 40.00 -8.76 1.03
CA THR A 99 39.71 -9.34 2.33
C THR A 99 38.26 -9.15 2.77
N ILE A 100 37.54 -8.18 2.21
CA ILE A 100 36.12 -8.00 2.48
C ILE A 100 35.25 -8.25 1.25
N ASP A 101 35.88 -8.57 0.12
CA ASP A 101 35.22 -8.84 -1.17
C ASP A 101 34.31 -7.71 -1.64
N LYS A 102 34.74 -6.47 -1.46
CA LYS A 102 33.96 -5.32 -1.88
C LYS A 102 34.81 -4.29 -2.62
N PHE A 103 34.15 -3.43 -3.40
CA PHE A 103 34.73 -2.23 -3.98
C PHE A 103 34.50 -1.07 -3.01
N ILE A 104 35.49 -0.18 -2.89
CA ILE A 104 35.34 1.01 -2.06
C ILE A 104 35.54 2.24 -2.93
N VAL A 105 34.66 3.24 -2.76
CA VAL A 105 34.67 4.41 -3.60
C VAL A 105 35.93 5.24 -3.34
N ILE A 106 36.41 5.94 -4.36
CA ILE A 106 37.42 6.98 -4.19
C ILE A 106 36.84 8.35 -4.52
N TYR A 107 36.18 8.47 -5.67
CA TYR A 107 35.71 9.75 -6.17
C TYR A 107 34.20 9.82 -5.91
N THR A 108 33.81 10.75 -5.05
CA THR A 108 32.45 10.94 -4.59
C THR A 108 31.98 12.34 -4.96
N ILE A 109 30.65 12.52 -5.02
CA ILE A 109 30.16 13.83 -5.45
C ILE A 109 30.29 14.82 -4.28
N SER A 110 30.34 16.11 -4.61
CA SER A 110 30.44 17.15 -3.60
C SER A 110 29.26 17.08 -2.64
N ASP A 111 29.44 17.66 -1.45
CA ASP A 111 28.32 17.75 -0.52
C ASP A 111 27.21 18.66 -1.02
N ASP A 112 27.56 19.73 -1.76
CA ASP A 112 26.52 20.66 -2.20
C ASP A 112 25.57 20.01 -3.17
N VAL A 113 26.11 19.22 -4.10
CA VAL A 113 25.25 18.49 -5.02
C VAL A 113 24.49 17.39 -4.30
N GLN A 114 25.13 16.71 -3.34
CA GLN A 114 24.41 15.67 -2.59
C GLN A 114 23.19 16.22 -1.85
N HIS A 115 23.27 17.47 -1.35
CA HIS A 115 22.14 18.03 -0.61
C HIS A 115 20.99 18.35 -1.55
N GLU A 116 21.29 18.81 -2.76
CA GLU A 116 20.21 19.04 -3.71
C GLU A 116 19.55 17.71 -4.07
N LEU A 117 20.34 16.66 -4.33
CA LEU A 117 19.77 15.34 -4.59
C LEU A 117 18.93 14.84 -3.41
N ASP A 118 19.39 15.08 -2.18
CA ASP A 118 18.61 14.63 -1.04
C ASP A 118 17.29 15.38 -0.93
N SER A 119 17.26 16.63 -1.42
CA SER A 119 16.03 17.41 -1.34
C SER A 119 15.04 17.15 -2.45
N PHE A 120 15.51 16.90 -3.67
CA PHE A 120 14.63 17.04 -4.81
C PHE A 120 14.61 15.85 -5.74
N GLN A 121 15.35 14.77 -5.41
CA GLN A 121 15.34 13.65 -6.34
C GLN A 121 14.05 12.90 -6.28
N TYR A 122 13.25 13.03 -5.13
CA TYR A 122 11.98 12.33 -5.02
C TYR A 122 10.82 13.26 -5.34
N PRO A 123 9.74 12.74 -5.88
CA PRO A 123 8.60 13.61 -6.23
C PRO A 123 8.11 14.30 -4.97
N LEU A 124 7.59 15.49 -5.14
CA LEU A 124 7.00 16.29 -4.07
C LEU A 124 5.46 16.39 -4.25
N PRO A 125 4.75 16.85 -3.23
CA PRO A 125 3.32 17.11 -3.47
C PRO A 125 3.17 18.22 -4.51
N MET A 126 1.96 18.27 -5.09
CA MET A 126 1.68 19.35 -6.02
C MET A 126 0.98 20.43 -5.22
N VAL A 127 1.22 21.69 -5.57
CA VAL A 127 0.59 22.81 -4.88
C VAL A 127 -0.58 23.39 -5.68
N VAL A 128 -0.86 22.83 -6.85
CA VAL A 128 -2.12 22.99 -7.55
C VAL A 128 -2.76 21.62 -7.61
N ARG A 129 -4.05 21.57 -7.96
CA ARG A 129 -4.75 20.33 -8.29
C ARG A 129 -4.00 19.53 -9.36
N PRO A 130 -3.68 18.26 -9.10
CA PRO A 130 -3.05 17.41 -10.13
C PRO A 130 -3.92 17.27 -11.37
N LYS A 131 -3.26 17.15 -12.53
CA LYS A 131 -3.97 16.89 -13.79
C LYS A 131 -4.90 15.70 -13.67
N LEU A 132 -6.07 15.85 -14.24
CA LEU A 132 -6.99 14.73 -14.39
C LEU A 132 -6.35 13.67 -15.28
N LEU A 133 -6.30 12.42 -14.81
CA LEU A 133 -5.76 11.33 -15.62
C LEU A 133 -6.82 10.71 -16.53
N THR A 134 -6.47 10.55 -17.80
CA THR A 134 -7.40 10.04 -18.81
C THR A 134 -6.81 8.88 -19.60
N LYS A 135 -5.50 8.65 -19.53
CA LYS A 135 -4.85 7.48 -20.06
C LYS A 135 -3.83 7.01 -19.01
N ASN A 136 -3.24 5.85 -19.23
CA ASN A 136 -2.33 5.21 -18.28
C ASN A 136 -0.90 5.75 -18.39
N TYR A 137 -0.77 6.99 -18.87
CA TYR A 137 0.48 7.71 -18.92
C TYR A 137 0.32 9.05 -18.21
N GLY A 138 1.33 9.45 -17.47
CA GLY A 138 1.25 10.69 -16.74
C GLY A 138 0.81 10.35 -15.34
N THR A 139 1.39 10.99 -14.32
CA THR A 139 1.11 10.61 -12.95
C THR A 139 0.50 11.74 -12.13
N GLY A 140 0.01 12.79 -12.79
CA GLY A 140 -0.61 13.93 -12.14
C GLY A 140 0.13 15.24 -12.33
N TYR A 141 1.45 15.18 -12.55
CA TYR A 141 2.27 16.36 -12.74
C TYR A 141 2.19 16.83 -14.19
N PHE A 142 2.61 18.07 -14.42
CA PHE A 142 2.53 18.68 -15.73
C PHE A 142 3.67 18.30 -16.67
N THR A 143 4.74 17.65 -16.18
CA THR A 143 5.89 17.38 -17.04
C THR A 143 6.32 15.92 -17.12
N CYS A 144 5.59 15.00 -16.50
CA CYS A 144 5.90 13.59 -16.58
C CYS A 144 4.90 12.87 -17.47
N ASN A 145 5.37 11.94 -18.32
CA ASN A 145 4.41 11.11 -19.05
C ASN A 145 4.81 9.65 -19.08
N LYS A 146 5.47 9.20 -18.03
CA LYS A 146 5.75 7.78 -17.85
C LYS A 146 4.47 7.01 -17.50
N SER A 147 4.53 5.70 -17.74
CA SER A 147 3.50 4.78 -17.25
C SER A 147 3.11 5.06 -15.81
N VAL A 148 1.80 5.07 -15.55
CA VAL A 148 1.30 5.39 -14.21
C VAL A 148 1.48 4.22 -13.27
N ILE A 149 1.57 2.99 -13.79
CA ILE A 149 1.72 1.79 -12.99
C ILE A 149 3.15 1.66 -12.49
N LEU A 150 3.30 1.32 -11.22
CA LEU A 150 4.61 1.23 -10.58
C LEU A 150 5.42 0.07 -11.13
N LYS A 151 6.74 0.31 -11.28
CA LYS A 151 7.73 -0.61 -11.87
C LYS A 151 7.41 -0.88 -13.36
N LYS A 152 7.96 -1.94 -13.97
CA LYS A 152 7.79 -2.16 -15.41
C LYS A 152 6.60 -3.07 -15.65
N ASN A 153 5.40 -2.49 -15.57
CA ASN A 153 4.17 -3.28 -15.56
C ASN A 153 3.07 -2.55 -16.30
N HIS A 154 3.41 -1.98 -17.45
CA HIS A 154 2.45 -1.16 -18.13
C HIS A 154 1.39 -1.99 -18.85
N THR A 155 0.16 -1.50 -18.79
CA THR A 155 -0.93 -1.96 -19.64
C THR A 155 -1.73 -0.72 -20.02
N ASP A 156 -2.47 -0.82 -21.12
CA ASP A 156 -3.41 0.24 -21.48
C ASP A 156 -4.83 -0.21 -21.20
N ASP A 157 -4.99 -1.36 -20.59
CA ASP A 157 -6.29 -1.78 -20.11
C ASP A 157 -6.72 -0.90 -18.94
N ASP A 158 -8.01 -0.99 -18.60
CA ASP A 158 -8.59 -0.22 -17.52
C ASP A 158 -7.90 -0.53 -16.19
N ILE A 159 -7.33 0.51 -15.54
CA ILE A 159 -6.76 0.35 -14.20
C ILE A 159 -7.41 1.31 -13.20
N CYS A 160 -8.66 1.67 -13.44
CA CYS A 160 -9.46 2.48 -12.52
C CYS A 160 -8.82 3.84 -12.23
N LEU A 161 -8.57 4.58 -13.29
CA LEU A 161 -8.10 5.94 -13.13
C LEU A 161 -8.98 6.74 -12.19
N ASP A 162 -10.27 6.41 -12.11
CA ASP A 162 -11.17 7.17 -11.26
C ASP A 162 -10.67 7.22 -9.82
N HIS A 163 -10.07 6.13 -9.34
CA HIS A 163 -9.60 6.14 -7.97
C HIS A 163 -8.43 7.10 -7.79
N LEU A 164 -7.44 7.02 -8.67
CA LEU A 164 -6.34 7.96 -8.61
C LEU A 164 -6.84 9.40 -8.68
N ASN A 165 -7.74 9.68 -9.60
CA ASN A 165 -8.24 11.04 -9.70
C ASN A 165 -8.96 11.45 -8.42
N ARG A 166 -9.60 10.51 -7.73
CA ARG A 166 -10.36 10.86 -6.52
C ARG A 166 -9.40 11.11 -5.35
N MET A 167 -8.32 10.32 -5.27
CA MET A 167 -7.34 10.50 -4.22
C MET A 167 -6.48 11.74 -4.46
N ASN A 168 -6.12 11.99 -5.73
CA ASN A 168 -5.24 13.11 -6.08
C ASN A 168 -5.81 14.48 -5.72
N LYS A 169 -7.12 14.62 -5.60
CA LYS A 169 -7.73 15.92 -5.30
C LYS A 169 -8.03 16.13 -3.82
N ILE A 170 -7.58 15.21 -2.96
CA ILE A 170 -7.70 15.48 -1.53
C ILE A 170 -6.71 16.57 -1.13
N PRO A 171 -7.15 17.71 -0.63
CA PRO A 171 -6.19 18.75 -0.30
C PRO A 171 -5.66 18.48 1.10
N LEU A 172 -4.34 18.58 1.24
CA LEU A 172 -3.65 18.25 2.49
C LEU A 172 -2.82 19.44 2.93
N SER A 173 -2.36 19.39 4.17
CA SER A 173 -1.46 20.44 4.64
C SER A 173 -0.56 19.88 5.74
N ILE A 174 0.38 20.69 6.16
CA ILE A 174 1.39 20.25 7.10
C ILE A 174 0.91 20.77 8.45
N ASN A 175 1.00 19.94 9.48
CA ASN A 175 0.68 20.41 10.81
C ASN A 175 2.04 20.82 11.40
N TRP A 176 2.29 22.13 11.40
CA TRP A 176 3.62 22.60 11.78
C TRP A 176 3.87 22.43 13.26
N ASP A 177 2.79 22.36 14.04
CA ASP A 177 2.89 22.13 15.47
C ASP A 177 3.51 20.77 15.75
N VAL A 178 3.00 19.71 15.10
CA VAL A 178 3.57 18.37 15.23
C VAL A 178 4.98 18.30 14.65
N ALA A 179 5.20 18.93 13.49
CA ALA A 179 6.50 18.88 12.80
C ALA A 179 7.64 19.46 13.64
N HIS A 180 7.34 20.50 14.43
CA HIS A 180 8.32 21.14 15.29
C HIS A 180 8.56 20.32 16.55
N MET A 181 7.51 19.66 17.05
CA MET A 181 7.63 18.74 18.18
C MET A 181 8.66 17.63 17.95
N VAL A 182 8.66 17.01 16.78
CA VAL A 182 9.63 15.94 16.54
C VAL A 182 11.06 16.46 16.65
N LYS A 183 11.41 17.53 15.91
CA LYS A 183 12.77 18.05 15.99
C LYS A 183 13.17 18.48 17.41
N ASN A 184 12.28 19.23 18.09
CA ASN A 184 12.54 19.69 19.46
C ASN A 184 12.54 18.58 20.52
N GLU A 185 11.71 17.54 20.36
CA GLU A 185 11.40 16.65 21.48
C GLU A 185 11.63 15.16 21.23
N TRP A 186 11.95 14.74 20.00
CA TRP A 186 12.04 13.31 19.68
C TRP A 186 13.23 12.65 20.36
N ALA A 187 14.37 13.34 20.45
CA ALA A 187 15.59 12.74 21.00
C ALA A 187 15.39 12.31 22.44
N ASN A 188 14.59 13.04 23.21
CA ASN A 188 14.32 12.67 24.60
C ASN A 188 13.02 11.89 24.71
N LEU A 189 12.39 11.60 23.57
CA LEU A 189 11.24 10.71 23.44
C LEU A 189 11.72 9.32 23.01
N PHE A 208 18.66 10.59 10.12
CA PHE A 208 19.42 11.16 11.25
C PHE A 208 19.18 12.67 11.27
N GLN A 209 19.94 13.40 12.10
CA GLN A 209 19.82 14.85 12.21
C GLN A 209 19.97 15.48 10.83
N LYS A 210 20.94 14.98 10.05
CA LYS A 210 21.10 15.45 8.67
C LYS A 210 19.82 15.26 7.87
N TYR A 211 19.18 14.07 8.00
CA TYR A 211 17.95 13.82 7.26
C TYR A 211 16.84 14.80 7.62
N ASP A 212 16.61 15.03 8.91
CA ASP A 212 15.47 15.85 9.27
C ASP A 212 15.72 17.29 8.85
N ARG A 213 17.00 17.70 8.76
CA ARG A 213 17.31 19.02 8.22
C ARG A 213 16.67 19.23 6.85
N THR A 214 16.63 18.20 5.99
CA THR A 214 16.18 18.59 4.66
C THR A 214 14.66 18.58 4.58
N ALA A 215 14.00 17.95 5.56
CA ALA A 215 12.55 17.81 5.54
C ALA A 215 11.92 19.20 5.58
N HIS A 216 12.31 19.97 6.60
CA HIS A 216 11.79 21.32 6.79
C HIS A 216 12.07 22.23 5.60
N GLU A 217 13.28 22.17 5.03
CA GLU A 217 13.56 23.02 3.88
C GLU A 217 12.56 22.74 2.78
N VAL A 218 12.32 21.46 2.52
CA VAL A 218 11.37 21.04 1.51
C VAL A 218 9.94 21.42 1.88
N MET A 219 9.54 21.16 3.14
CA MET A 219 8.19 21.49 3.58
C MET A 219 7.91 22.98 3.50
N GLY A 220 8.92 23.79 3.81
CA GLY A 220 8.77 25.23 3.75
C GLY A 220 8.68 25.70 2.32
N LEU A 221 9.56 25.17 1.46
CA LEU A 221 9.54 25.50 0.04
C LEU A 221 8.21 25.08 -0.55
N LEU A 222 7.82 23.82 -0.26
CA LEU A 222 6.54 23.27 -0.72
C LEU A 222 5.40 24.26 -0.47
N THR A 223 5.28 24.74 0.77
CA THR A 223 4.15 25.57 1.19
C THR A 223 4.43 27.07 1.02
N GLN A 224 5.40 27.46 0.17
CA GLN A 224 5.75 28.87 -0.04
C GLN A 224 4.54 29.76 -0.38
N GLU A 225 3.60 29.26 -1.18
CA GLU A 225 2.44 30.04 -1.58
C GLU A 225 1.20 29.67 -0.77
N GLY A 226 1.39 29.04 0.39
CA GLY A 226 0.26 28.57 1.17
C GLY A 226 0.35 27.13 1.63
N ASN A 227 -0.23 26.85 2.80
CA ASN A 227 -0.16 25.54 3.45
C ASN A 227 -1.28 24.61 2.98
N LYS A 228 -1.17 24.20 1.71
CA LYS A 228 -2.19 23.41 1.04
C LYS A 228 -1.56 22.73 -0.17
N PHE A 229 -1.75 21.42 -0.30
CA PHE A 229 -1.07 20.71 -1.38
C PHE A 229 -1.73 19.33 -1.56
N TYR A 230 -1.30 18.62 -2.60
CA TYR A 230 -1.92 17.36 -3.01
C TYR A 230 -0.90 16.27 -3.28
N LEU A 231 -1.14 15.07 -2.77
CA LEU A 231 -0.27 13.93 -3.09
C LEU A 231 -0.77 13.21 -4.34
N THR A 232 0.15 12.77 -5.20
CA THR A 232 -0.25 12.01 -6.38
C THR A 232 -0.25 10.53 -6.01
N HIS A 233 -1.03 9.75 -6.76
CA HIS A 233 -1.24 8.35 -6.43
C HIS A 233 -1.00 7.44 -7.63
N ARG A 234 -0.32 6.34 -7.39
CA ARG A 234 -0.03 5.32 -8.40
C ARG A 234 -0.40 3.93 -7.90
N PRO A 235 -0.92 3.07 -8.78
CA PRO A 235 -1.25 1.68 -8.45
C PRO A 235 -0.08 0.76 -8.75
N ASP A 236 0.06 -0.29 -7.94
CA ASP A 236 0.97 -1.34 -8.38
C ASP A 236 0.19 -2.29 -9.31
N LYS A 237 0.82 -3.36 -9.76
CA LYS A 237 0.19 -4.20 -10.76
C LYS A 237 -1.03 -4.93 -10.24
N ARG A 238 -1.19 -5.02 -8.93
CA ARG A 238 -2.31 -5.73 -8.32
C ARG A 238 -3.50 -4.82 -8.05
N GLY A 239 -3.25 -3.52 -7.98
CA GLY A 239 -4.26 -2.54 -7.63
C GLY A 239 -4.24 -2.10 -6.19
N ARG A 240 -3.13 -2.28 -5.50
CA ARG A 240 -2.95 -1.55 -4.26
C ARG A 240 -2.53 -0.13 -4.71
N THR A 241 -2.96 0.89 -3.99
CA THR A 241 -2.72 2.28 -4.30
C THR A 241 -1.66 2.90 -3.40
N TYR A 242 -0.64 3.57 -3.99
CA TYR A 242 0.51 4.14 -3.26
C TYR A 242 0.60 5.63 -3.49
N SER A 243 0.61 6.41 -2.39
CA SER A 243 0.84 7.86 -2.49
C SER A 243 2.33 8.13 -2.71
N GLN A 244 2.64 9.11 -3.58
CA GLN A 244 3.99 9.34 -4.06
C GLN A 244 4.73 10.46 -3.34
N GLY A 245 5.89 10.15 -2.79
CA GLY A 245 6.76 11.15 -2.19
C GLY A 245 7.50 10.54 -1.01
N TYR A 246 8.68 11.08 -0.73
CA TYR A 246 9.48 10.57 0.38
C TYR A 246 9.36 11.45 1.62
N HIS A 247 9.56 12.75 1.47
CA HIS A 247 9.60 13.66 2.61
C HIS A 247 8.23 13.93 3.19
N VAL A 248 7.18 13.88 2.36
CA VAL A 248 5.81 14.18 2.79
C VAL A 248 4.92 13.07 2.28
N ASN A 249 4.38 12.29 3.19
CA ASN A 249 3.63 11.13 2.77
C ASN A 249 2.85 10.54 3.92
N TYR A 250 1.54 10.31 3.75
CA TYR A 250 0.77 9.70 4.82
C TYR A 250 0.94 8.20 4.86
N GLN A 251 1.63 7.65 3.86
CA GLN A 251 2.12 6.30 3.93
C GLN A 251 3.58 6.40 4.34
N GLY A 252 4.15 5.28 4.71
CA GLY A 252 5.52 5.34 5.19
C GLY A 252 5.71 5.55 6.69
N THR A 253 6.64 6.39 7.09
CA THR A 253 7.09 6.29 8.48
C THR A 253 6.15 6.99 9.45
N SER A 254 6.20 6.54 10.70
CA SER A 254 5.30 7.07 11.72
C SER A 254 5.58 8.55 11.97
N TRP A 255 6.85 8.94 11.82
CA TRP A 255 7.26 10.33 11.97
C TRP A 255 6.80 11.16 10.78
N ASN A 256 6.38 10.48 9.71
CA ASN A 256 5.85 11.07 8.48
C ASN A 256 4.32 11.24 8.55
N LYS A 257 3.58 10.15 8.79
CA LYS A 257 2.14 10.23 9.04
C LYS A 257 1.72 11.38 9.95
N ALA A 258 2.44 11.58 11.07
CA ALA A 258 1.99 12.47 12.14
C ALA A 258 1.82 13.92 11.70
N VAL A 259 2.60 14.33 10.72
CA VAL A 259 2.71 15.70 10.28
C VAL A 259 1.61 16.11 9.29
N LEU A 260 1.01 15.15 8.59
CA LEU A 260 -0.02 15.38 7.59
C LEU A 260 -1.42 15.46 8.18
N GLU A 261 -2.23 16.40 7.69
CA GLU A 261 -3.63 16.49 8.04
C GLU A 261 -4.44 17.00 6.85
N PHE A 262 -5.75 16.97 6.98
CA PHE A 262 -6.61 17.49 5.93
C PHE A 262 -6.51 19.02 5.89
N ALA A 263 -6.48 19.56 4.67
CA ALA A 263 -6.45 21.03 4.55
C ALA A 263 -7.82 21.62 4.86
N GLU A 264 -8.88 20.84 4.67
CA GLU A 264 -10.25 21.27 4.96
C GLU A 264 -10.60 20.79 6.37
N LYS A 265 -10.32 21.63 7.37
CA LYS A 265 -10.65 21.33 8.76
C LYS A 265 -12.16 21.38 9.00
N GLU A 266 -12.60 20.77 10.10
CA GLU A 266 -14.03 20.68 10.46
C GLU A 266 -14.23 20.76 11.96
N VAL A 267 -15.35 21.38 12.34
CA VAL A 267 -15.80 21.43 13.73
C VAL A 267 -16.47 20.10 14.08
N ILE A 268 -15.87 19.37 15.02
CA ILE A 268 -16.21 17.98 15.34
C ILE A 268 -17.61 17.85 15.91
N ASP A 269 -18.03 18.81 16.75
CA ASP A 269 -19.22 18.81 17.62
C ASP A 269 -18.86 18.20 18.95
N MET B 1 -23.53 -3.81 15.54
CA MET B 1 -22.42 -2.85 15.53
C MET B 1 -22.70 -1.63 16.38
N GLN B 2 -21.94 -1.40 17.44
CA GLN B 2 -22.17 -0.19 18.23
C GLN B 2 -21.44 1.03 17.65
N THR B 3 -22.10 2.18 17.77
CA THR B 3 -21.63 3.48 17.28
C THR B 3 -20.92 4.29 18.36
N PHE B 4 -20.20 5.31 17.92
CA PHE B 4 -19.50 6.22 18.83
C PHE B 4 -19.63 7.66 18.32
N THR B 5 -19.46 8.61 19.24
CA THR B 5 -19.44 10.02 18.89
C THR B 5 -18.13 10.38 18.22
N ALA B 6 -18.10 11.55 17.59
CA ALA B 6 -16.85 11.98 16.97
C ALA B 6 -15.76 12.12 18.04
N ARG B 7 -16.11 12.74 19.17
CA ARG B 7 -15.12 12.91 20.23
C ARG B 7 -14.66 11.56 20.76
N GLU B 8 -15.55 10.55 20.80
CA GLU B 8 -15.13 9.23 21.28
C GLU B 8 -14.14 8.58 20.32
N TYR B 9 -14.32 8.79 19.02
CA TYR B 9 -13.36 8.23 18.07
C TYR B 9 -12.01 8.87 18.24
N LEU B 10 -11.97 10.15 18.58
CA LEU B 10 -10.71 10.75 18.97
C LEU B 10 -10.11 10.00 20.16
N LYS B 11 -10.96 9.65 21.15
CA LYS B 11 -10.46 8.96 22.34
C LYS B 11 -9.87 7.61 21.98
N ILE B 12 -10.58 6.86 21.13
CA ILE B 12 -10.10 5.55 20.71
C ILE B 12 -8.78 5.65 19.96
N ASP B 13 -8.67 6.63 19.05
CA ASP B 13 -7.44 6.79 18.26
C ASP B 13 -6.25 7.14 19.14
N ILE B 14 -6.43 8.02 20.12
CA ILE B 14 -5.35 8.33 21.03
C ILE B 14 -4.98 7.12 21.90
N ALA B 15 -5.97 6.37 22.40
CA ALA B 15 -5.66 5.13 23.10
C ALA B 15 -4.88 4.15 22.21
N ASN B 16 -5.33 3.96 20.97
CA ASN B 16 -4.63 3.08 20.02
C ASN B 16 -3.15 3.41 19.95
N ASN B 17 -2.80 4.68 19.89
CA ASN B 17 -1.43 5.11 19.70
C ASN B 17 -0.60 5.10 20.98
N TYR B 18 -1.20 4.79 22.14
CA TYR B 18 -0.42 4.71 23.38
C TYR B 18 0.52 3.49 23.44
N GLY B 19 0.13 2.29 23.01
CA GLY B 19 -1.16 1.87 22.51
C GLY B 19 -1.74 0.55 23.01
N LEU B 20 -3.03 0.62 23.21
CA LEU B 20 -3.88 -0.46 23.67
C LEU B 20 -4.82 -0.88 22.54
N ASP B 21 -4.30 -1.04 21.32
CA ASP B 21 -5.15 -1.25 20.14
C ASP B 21 -5.82 -2.63 20.09
N LYS B 22 -5.40 -3.58 20.95
CA LYS B 22 -6.01 -4.90 21.08
C LYS B 22 -7.05 -4.95 22.17
N GLU B 23 -7.24 -3.85 22.90
CA GLU B 23 -8.27 -3.76 23.90
C GLU B 23 -9.63 -3.49 23.27
N ASP B 24 -10.68 -3.88 23.97
CA ASP B 24 -12.05 -3.60 23.53
C ASP B 24 -12.29 -2.09 23.44
N TRP B 25 -13.35 -1.72 22.71
CA TRP B 25 -13.71 -0.31 22.58
C TRP B 25 -13.86 0.37 23.93
N ASP B 26 -14.63 -0.23 24.85
CA ASP B 26 -14.96 0.48 26.08
C ASP B 26 -13.77 0.55 27.04
N ASP B 27 -12.91 -0.48 27.00
CA ASP B 27 -11.72 -0.42 27.83
C ASP B 27 -10.80 0.67 27.35
N ARG B 28 -10.79 0.90 26.04
CA ARG B 28 -9.95 1.96 25.49
C ARG B 28 -10.47 3.32 25.92
N ILE B 29 -11.79 3.51 25.83
CA ILE B 29 -12.39 4.76 26.29
C ILE B 29 -12.27 4.87 27.81
N ALA B 30 -12.37 3.74 28.52
CA ALA B 30 -12.22 3.80 29.98
C ALA B 30 -10.81 4.23 30.35
N TRP B 31 -9.81 3.67 29.68
CA TRP B 31 -8.43 4.09 29.91
C TRP B 31 -8.26 5.58 29.62
N PHE B 32 -8.90 6.08 28.56
CA PHE B 32 -8.78 7.48 28.18
C PHE B 32 -9.32 8.41 29.25
N ASP B 33 -10.61 8.28 29.59
CA ASP B 33 -11.27 9.05 30.64
C ASP B 33 -10.41 9.18 31.90
N LYS B 34 -9.76 8.08 32.30
CA LYS B 34 -8.88 8.11 33.46
C LYS B 34 -7.68 9.03 33.28
N ASN B 35 -7.13 9.13 32.07
CA ASN B 35 -5.89 9.88 31.86
C ASN B 35 -6.05 11.19 31.08
N GLU B 36 -7.28 11.67 30.88
CA GLU B 36 -7.52 12.84 30.03
C GLU B 36 -6.65 14.03 30.45
N ASN B 37 -6.53 14.26 31.76
CA ASN B 37 -5.90 15.46 32.29
C ASN B 37 -4.37 15.41 32.30
N ASN B 38 -3.77 14.28 31.95
CA ASN B 38 -2.32 14.13 31.96
C ASN B 38 -1.76 13.70 30.60
N LEU B 39 -2.50 13.94 29.51
CA LEU B 39 -2.13 13.32 28.24
C LEU B 39 -0.77 13.79 27.73
N LEU B 40 -0.45 15.08 27.84
CA LEU B 40 0.78 15.59 27.25
C LEU B 40 2.03 14.98 27.91
N ASN B 41 1.92 14.47 29.14
CA ASN B 41 3.04 13.84 29.83
C ASN B 41 3.21 12.37 29.47
N LEU B 42 2.22 11.75 28.84
CA LEU B 42 2.29 10.35 28.43
C LEU B 42 2.98 10.13 27.09
N VAL B 43 3.30 11.23 26.37
CA VAL B 43 3.87 11.15 25.03
C VAL B 43 5.17 10.37 25.01
N ARG B 44 6.01 10.54 26.04
CA ARG B 44 7.33 9.90 26.07
C ARG B 44 7.30 8.38 26.26
N GLU B 45 6.18 7.80 26.69
CA GLU B 45 6.12 6.36 26.85
C GLU B 45 5.11 5.69 25.92
N ALA B 46 4.48 6.44 25.02
CA ALA B 46 3.53 5.89 24.05
C ALA B 46 4.25 5.11 22.95
N GLU B 47 3.55 4.09 22.43
CA GLU B 47 4.12 3.30 21.34
C GLU B 47 4.35 4.11 20.08
N GLU B 48 3.44 5.04 19.76
CA GLU B 48 3.60 5.95 18.63
C GLU B 48 3.58 7.39 19.12
N PRO B 49 4.71 7.88 19.60
CA PRO B 49 4.75 9.22 20.21
C PRO B 49 4.16 10.31 19.34
N ALA B 50 4.61 10.38 18.08
CA ALA B 50 4.19 11.46 17.20
C ALA B 50 2.70 11.41 16.93
N LEU B 51 2.17 10.22 16.63
CA LEU B 51 0.76 10.10 16.32
C LEU B 51 -0.07 10.31 17.57
N PHE B 52 0.39 9.80 18.70
CA PHE B 52 -0.25 10.09 19.98
C PHE B 52 -0.34 11.61 20.21
N TYR B 53 0.78 12.32 20.07
CA TYR B 53 0.81 13.76 20.30
C TYR B 53 -0.13 14.50 19.36
N ALA B 54 -0.08 14.16 18.06
CA ALA B 54 -0.99 14.77 17.10
C ALA B 54 -2.44 14.57 17.52
N GLY B 55 -2.77 13.36 17.98
CA GLY B 55 -4.13 13.08 18.41
C GLY B 55 -4.50 13.91 19.62
N VAL B 56 -3.62 13.95 20.62
CA VAL B 56 -3.86 14.76 21.81
C VAL B 56 -4.09 16.23 21.45
N LYS B 57 -3.24 16.81 20.60
CA LYS B 57 -3.44 18.20 20.19
C LYS B 57 -4.78 18.37 19.51
N ALA B 58 -5.21 17.36 18.74
CA ALA B 58 -6.50 17.44 18.10
C ALA B 58 -7.60 17.44 19.15
N TRP B 59 -7.46 16.56 20.15
CA TRP B 59 -8.46 16.48 21.21
C TRP B 59 -8.58 17.83 21.90
N MET B 60 -7.45 18.46 22.22
CA MET B 60 -7.47 19.78 22.84
C MET B 60 -8.13 20.81 21.92
N ASP B 61 -7.72 20.85 20.64
CA ASP B 61 -8.36 21.77 19.70
C ASP B 61 -9.86 21.56 19.65
N VAL B 62 -10.33 20.31 19.78
CA VAL B 62 -11.78 20.03 19.76
C VAL B 62 -12.45 20.55 21.03
N LYS B 63 -11.82 20.35 22.21
CA LYS B 63 -12.39 20.87 23.45
C LYS B 63 -12.66 22.37 23.38
N GLU B 64 -11.71 23.15 22.84
CA GLU B 64 -11.85 24.60 22.73
C GLU B 64 -12.76 25.02 21.60
N GLY B 65 -13.32 24.06 20.86
CA GLY B 65 -14.19 24.32 19.75
C GLY B 65 -13.49 24.69 18.47
N LYS B 66 -12.16 24.51 18.38
CA LYS B 66 -11.43 24.85 17.17
C LYS B 66 -11.59 23.78 16.10
N PRO B 67 -11.57 24.17 14.83
CA PRO B 67 -11.62 23.18 13.76
C PRO B 67 -10.33 22.36 13.71
N ILE B 68 -10.44 21.12 13.22
CA ILE B 68 -9.29 20.22 13.08
C ILE B 68 -9.23 19.51 11.73
N GLY B 69 -8.01 19.13 11.35
CA GLY B 69 -7.76 18.43 10.12
C GLY B 69 -7.20 17.03 10.39
N TYR B 70 -7.09 16.69 11.67
CA TYR B 70 -6.49 15.43 12.13
C TYR B 70 -7.39 14.23 11.88
N PRO B 71 -6.93 13.22 11.14
CA PRO B 71 -7.75 12.03 10.90
C PRO B 71 -7.42 10.86 11.81
N VAL B 72 -8.46 10.20 12.35
CA VAL B 72 -8.22 9.07 13.22
C VAL B 72 -7.98 7.84 12.34
N ALA B 73 -7.41 6.79 12.93
CA ALA B 73 -7.04 5.61 12.15
C ALA B 73 -7.82 4.40 12.66
N LEU B 74 -8.39 3.65 11.72
CA LEU B 74 -9.04 2.39 12.03
C LEU B 74 -8.39 1.38 11.09
N ASP B 75 -7.80 0.33 11.65
CA ASP B 75 -7.04 -0.66 10.90
C ASP B 75 -7.79 -1.98 10.77
N ALA B 76 -7.70 -2.61 9.60
CA ALA B 76 -8.14 -3.98 9.46
C ALA B 76 -7.33 -4.89 10.36
N THR B 77 -8.01 -5.76 11.11
CA THR B 77 -7.36 -6.78 11.93
C THR B 77 -7.12 -8.02 11.07
N SER B 78 -5.91 -8.17 10.53
CA SER B 78 -5.57 -9.30 9.63
C SER B 78 -6.42 -9.25 8.35
N SER B 79 -6.25 -8.18 7.60
CA SER B 79 -6.82 -8.04 6.28
C SER B 79 -6.92 -9.33 5.49
N GLY B 80 -5.77 -9.97 5.28
CA GLY B 80 -5.71 -11.16 4.41
C GLY B 80 -6.57 -12.29 4.90
N LEU B 81 -6.46 -12.60 6.19
CA LEU B 81 -7.27 -13.66 6.74
C LEU B 81 -8.75 -13.28 6.64
N GLN B 82 -9.07 -11.99 6.82
CA GLN B 82 -10.46 -11.53 6.71
C GLN B 82 -11.01 -11.81 5.32
N ILE B 83 -10.25 -11.43 4.29
CA ILE B 83 -10.70 -11.62 2.92
C ILE B 83 -10.85 -13.10 2.59
N LEU B 84 -9.89 -13.94 2.99
CA LEU B 84 -10.00 -15.37 2.72
C LEU B 84 -11.16 -15.99 3.47
N ALA B 85 -11.40 -15.57 4.73
CA ALA B 85 -12.56 -16.06 5.46
C ALA B 85 -13.85 -15.73 4.70
N CYS B 86 -13.94 -14.51 4.15
CA CYS B 86 -15.13 -14.09 3.41
C CYS B 86 -15.24 -14.81 2.08
N LEU B 87 -14.12 -15.02 1.38
CA LEU B 87 -14.15 -15.65 0.07
C LEU B 87 -14.65 -17.09 0.20
N THR B 88 -14.22 -17.79 1.23
CA THR B 88 -14.50 -19.20 1.41
C THR B 88 -15.70 -19.48 2.32
N GLY B 89 -16.29 -18.44 2.93
CA GLY B 89 -17.42 -18.68 3.81
C GLY B 89 -17.05 -19.45 5.07
N ASP B 90 -15.84 -19.21 5.58
CA ASP B 90 -15.26 -19.94 6.71
C ASP B 90 -15.59 -19.28 8.04
N ARG B 91 -16.71 -19.69 8.66
CA ARG B 91 -17.15 -19.10 9.93
C ARG B 91 -16.12 -19.25 11.03
N ARG B 92 -15.39 -20.34 11.03
CA ARG B 92 -14.36 -20.49 12.06
C ARG B 92 -13.22 -19.51 11.84
N ALA B 93 -12.81 -19.30 10.58
CA ALA B 93 -11.75 -18.33 10.31
C ALA B 93 -12.22 -16.92 10.61
N ALA B 94 -13.48 -16.62 10.29
CA ALA B 94 -14.01 -15.28 10.53
C ALA B 94 -13.93 -14.93 12.00
N GLU B 95 -14.13 -15.90 12.88
CA GLU B 95 -14.12 -15.55 14.29
C GLU B 95 -12.72 -15.26 14.77
N LEU B 96 -11.70 -15.68 14.01
CA LEU B 96 -10.32 -15.39 14.36
C LEU B 96 -9.98 -13.93 14.16
N CYS B 97 -10.68 -13.23 13.26
CA CYS B 97 -10.16 -12.00 12.71
C CYS B 97 -11.23 -10.92 12.58
N ASN B 98 -12.31 -11.05 13.34
CA ASN B 98 -13.37 -10.05 13.52
C ASN B 98 -14.27 -9.88 12.32
N VAL B 99 -14.29 -10.85 11.40
CA VAL B 99 -15.26 -10.79 10.31
C VAL B 99 -16.67 -11.03 10.87
N VAL B 100 -16.80 -11.87 11.90
CA VAL B 100 -18.04 -11.95 12.67
C VAL B 100 -17.69 -11.90 14.15
N ASN B 101 -18.69 -11.53 14.96
CA ASN B 101 -18.46 -11.38 16.39
C ASN B 101 -18.11 -12.71 17.07
N TYR B 102 -17.15 -12.64 18.01
CA TYR B 102 -16.86 -13.69 18.97
C TYR B 102 -17.18 -13.17 20.38
N ARG B 103 -17.95 -13.95 21.16
CA ARG B 103 -18.26 -13.60 22.55
C ARG B 103 -17.64 -14.59 23.52
N ASP B 104 -17.12 -14.07 24.64
CA ASP B 104 -16.64 -14.93 25.72
C ASP B 104 -17.82 -15.43 26.56
N GLU B 105 -17.53 -16.22 27.61
CA GLU B 105 -18.61 -16.79 28.42
C GLU B 105 -19.49 -15.68 29.00
N SER B 106 -18.87 -14.57 29.44
CA SER B 106 -19.63 -13.39 29.85
C SER B 106 -20.60 -12.93 28.78
N GLY B 107 -20.28 -13.20 27.50
CA GLY B 107 -21.10 -12.79 26.39
C GLY B 107 -20.71 -11.47 25.77
N LYS B 108 -19.59 -10.89 26.20
CA LYS B 108 -19.09 -9.65 25.62
C LYS B 108 -18.41 -9.96 24.28
N VAL B 109 -18.69 -9.13 23.28
CA VAL B 109 -17.97 -9.21 22.01
C VAL B 109 -16.51 -8.81 22.22
N LYS B 110 -15.58 -9.71 21.87
CA LYS B 110 -14.16 -9.44 22.05
C LYS B 110 -13.45 -9.02 20.75
N ARG B 111 -12.46 -8.15 20.90
CA ARG B 111 -11.54 -7.74 19.83
C ARG B 111 -10.48 -8.84 19.73
N ARG B 112 -10.64 -9.74 18.76
CA ARG B 112 -9.75 -10.90 18.61
C ARG B 112 -8.49 -10.59 17.82
N ASP B 113 -7.41 -11.27 18.21
CA ASP B 113 -6.11 -11.20 17.56
C ASP B 113 -5.79 -12.62 17.12
N ALA B 114 -6.13 -12.92 15.86
CA ALA B 114 -5.98 -14.26 15.31
C ALA B 114 -4.67 -14.94 15.66
N TYR B 115 -3.54 -14.24 15.53
CA TYR B 115 -2.24 -14.87 15.73
C TYR B 115 -2.10 -15.33 17.17
N THR B 116 -2.61 -14.54 18.11
CA THR B 116 -2.59 -14.95 19.52
C THR B 116 -3.50 -16.16 19.72
N VAL B 117 -4.70 -16.12 19.17
CA VAL B 117 -5.62 -17.25 19.31
C VAL B 117 -4.93 -18.53 18.85
N ILE B 118 -4.36 -18.51 17.65
CA ILE B 118 -3.67 -19.71 17.14
C ILE B 118 -2.41 -20.02 17.93
N TYR B 119 -1.71 -19.02 18.45
CA TYR B 119 -0.55 -19.28 19.30
C TYR B 119 -1.00 -19.98 20.58
N ASN B 120 -2.08 -19.49 21.22
CA ASN B 120 -2.60 -20.16 22.41
C ASN B 120 -3.07 -21.57 22.09
N LYS B 121 -3.86 -21.74 21.01
CA LYS B 121 -4.35 -23.07 20.67
C LYS B 121 -3.20 -24.03 20.48
N MET B 122 -2.07 -23.54 19.99
CA MET B 122 -0.92 -24.39 19.74
C MET B 122 -0.21 -24.78 21.03
N LEU B 123 -0.06 -23.85 21.99
CA LEU B 123 0.49 -24.23 23.30
C LEU B 123 -0.43 -25.20 24.05
N ASN B 124 -1.74 -24.98 23.97
CA ASN B 124 -2.67 -25.82 24.71
C ASN B 124 -2.52 -27.30 24.30
N THR B 125 -2.28 -27.56 23.01
CA THR B 125 -2.20 -28.95 22.58
C THR B 125 -0.76 -29.46 22.61
N LEU B 126 0.21 -28.62 22.25
CA LEU B 126 1.60 -29.03 22.31
C LEU B 126 2.04 -29.32 23.75
N GLY B 127 1.56 -28.54 24.71
CA GLY B 127 1.90 -28.81 26.08
C GLY B 127 3.36 -28.88 26.47
N LYS B 128 3.59 -29.19 27.74
CA LYS B 128 4.78 -29.84 28.28
C LYS B 128 6.06 -29.24 27.67
N GLY B 129 6.16 -27.92 27.81
CA GLY B 129 7.37 -27.17 27.48
C GLY B 129 7.47 -26.58 26.10
N ALA B 130 6.36 -26.39 25.37
CA ALA B 130 6.50 -26.07 23.94
C ALA B 130 7.42 -24.89 23.70
N ARG B 131 8.55 -25.17 23.04
CA ARG B 131 9.60 -24.18 22.80
C ARG B 131 9.34 -23.31 21.56
N ILE B 132 8.37 -22.39 21.63
CA ILE B 132 8.10 -21.51 20.46
C ILE B 132 7.63 -20.13 20.90
N LYS B 133 8.25 -19.10 20.33
CA LYS B 133 7.94 -17.71 20.62
C LYS B 133 6.81 -17.24 19.71
N ARG B 134 5.91 -16.42 20.28
CA ARG B 134 4.67 -16.02 19.62
C ARG B 134 4.90 -15.29 18.30
N ASN B 135 5.91 -14.42 18.23
CA ASN B 135 6.10 -13.69 16.97
C ASN B 135 6.68 -14.59 15.90
N ASP B 136 7.49 -15.59 16.26
CA ASP B 136 7.91 -16.54 15.24
C ASP B 136 6.68 -17.30 14.72
N CYS B 137 5.67 -17.47 15.57
CA CYS B 137 4.44 -18.15 15.20
C CYS B 137 3.60 -17.29 14.25
N LYS B 138 3.51 -15.98 14.53
CA LYS B 138 2.80 -15.05 13.65
C LYS B 138 3.43 -15.00 12.26
N GLN B 139 4.76 -14.96 12.20
CA GLN B 139 5.43 -15.03 10.90
C GLN B 139 5.04 -16.28 10.13
N ALA B 140 5.08 -17.44 10.79
CA ALA B 140 4.69 -18.69 10.15
C ALA B 140 3.23 -18.67 9.71
N ILE B 141 2.35 -18.14 10.54
CA ILE B 141 0.95 -18.11 10.18
C ILE B 141 0.76 -17.22 8.95
N MET B 142 1.25 -15.98 9.03
CA MET B 142 0.96 -15.01 7.97
C MET B 142 1.68 -15.35 6.67
N THR B 143 2.89 -15.90 6.71
CA THR B 143 3.52 -16.30 5.46
C THR B 143 2.84 -17.53 4.88
N ALA B 144 2.36 -18.43 5.75
CA ALA B 144 1.66 -19.62 5.28
C ALA B 144 0.38 -19.21 4.57
N LEU B 145 -0.38 -18.29 5.19
CA LEU B 145 -1.64 -17.81 4.61
C LEU B 145 -1.45 -17.19 3.25
N TYR B 146 -0.25 -16.74 2.93
CA TYR B 146 0.07 -16.25 1.61
C TYR B 146 0.78 -17.30 0.76
N GLY B 147 0.90 -18.54 1.28
CA GLY B 147 1.41 -19.66 0.52
C GLY B 147 2.83 -20.10 0.81
N SER B 148 3.51 -19.53 1.80
CA SER B 148 4.87 -19.96 2.10
C SER B 148 4.92 -21.34 2.74
N GLU B 149 5.78 -22.20 2.23
CA GLU B 149 6.05 -23.46 2.88
C GLU B 149 7.40 -23.47 3.57
N ALA B 150 8.29 -22.56 3.19
CA ALA B 150 9.67 -22.51 3.70
C ALA B 150 9.75 -21.90 5.09
N LYS B 151 8.96 -20.86 5.33
CA LYS B 151 9.01 -20.11 6.57
C LYS B 151 8.33 -20.82 7.74
N PRO B 152 7.17 -21.47 7.56
CA PRO B 152 6.69 -22.32 8.65
C PRO B 152 7.59 -23.52 8.90
N LYS B 153 8.19 -24.09 7.85
CA LYS B 153 9.17 -25.16 7.99
C LYS B 153 10.39 -24.69 8.77
N GLU B 154 10.62 -23.39 8.84
CA GLU B 154 11.79 -22.81 9.49
C GLU B 154 11.51 -22.51 10.96
N VAL B 155 10.27 -22.17 11.28
CA VAL B 155 9.90 -21.84 12.65
C VAL B 155 9.53 -23.10 13.43
N PHE B 156 8.99 -24.12 12.74
CA PHE B 156 8.45 -25.30 13.38
C PHE B 156 9.17 -26.59 13.00
N GLY B 157 10.23 -26.52 12.20
CA GLY B 157 10.86 -27.73 11.68
C GLY B 157 9.95 -28.50 10.71
N GLU B 158 10.32 -29.74 10.41
CA GLU B 158 9.47 -30.58 9.54
C GLU B 158 8.94 -31.82 10.24
N GLY B 159 8.88 -31.82 11.56
CA GLY B 159 8.47 -33.00 12.27
C GLY B 159 7.10 -32.83 12.91
N ILE B 160 7.02 -33.23 14.18
CA ILE B 160 5.75 -33.26 14.88
C ILE B 160 5.25 -31.85 15.11
N MET B 161 6.17 -30.89 15.27
CA MET B 161 5.76 -29.53 15.50
C MET B 161 5.06 -28.96 14.28
N LEU B 162 5.62 -29.22 13.09
CA LEU B 162 4.96 -28.81 11.85
C LEU B 162 3.59 -29.47 11.74
N ASN B 163 3.53 -30.75 12.03
CA ASN B 163 2.26 -31.49 11.99
C ASN B 163 1.22 -30.87 12.90
N VAL B 164 1.60 -30.51 14.13
CA VAL B 164 0.64 -29.85 15.01
C VAL B 164 0.23 -28.50 14.46
N PHE B 165 1.18 -27.77 13.85
CA PHE B 165 0.83 -26.48 13.27
C PHE B 165 -0.23 -26.62 12.17
N GLU B 166 -0.04 -27.58 11.26
CA GLU B 166 -1.02 -27.74 10.19
C GLU B 166 -2.36 -28.24 10.69
N SER B 167 -2.37 -29.08 11.73
CA SER B 167 -3.63 -29.56 12.30
C SER B 167 -4.42 -28.42 12.93
N THR B 168 -3.75 -27.56 13.70
CA THR B 168 -4.41 -26.43 14.32
C THR B 168 -5.06 -25.54 13.28
N MET B 169 -4.32 -25.22 12.22
CA MET B 169 -4.85 -24.38 11.16
C MET B 169 -6.07 -25.03 10.54
N ASN B 170 -6.05 -26.35 10.45
CA ASN B 170 -7.15 -27.02 9.81
C ASN B 170 -8.41 -27.02 10.67
N VAL B 171 -8.30 -26.93 12.01
CA VAL B 171 -9.53 -26.78 12.79
C VAL B 171 -9.94 -25.30 12.87
N GLU B 172 -8.97 -24.39 13.05
CA GLU B 172 -9.31 -22.97 13.23
C GLU B 172 -9.75 -22.27 11.93
N ALA B 173 -9.37 -22.81 10.76
CA ALA B 173 -9.77 -22.16 9.52
C ALA B 173 -9.77 -23.17 8.38
N PRO B 174 -10.68 -24.14 8.39
CA PRO B 174 -10.60 -25.23 7.39
C PRO B 174 -10.63 -24.79 5.92
N ALA B 175 -11.61 -23.96 5.55
CA ALA B 175 -11.75 -23.56 4.16
C ALA B 175 -10.66 -22.60 3.72
N VAL B 176 -10.30 -21.65 4.59
CA VAL B 176 -9.17 -20.79 4.30
C VAL B 176 -7.93 -21.63 4.07
N TRP B 177 -7.68 -22.60 4.96
CA TRP B 177 -6.48 -23.42 4.80
C TRP B 177 -6.54 -24.26 3.55
N GLU B 178 -7.70 -24.86 3.26
CA GLU B 178 -7.85 -25.63 2.03
C GLU B 178 -7.62 -24.75 0.78
N LEU B 179 -8.14 -23.52 0.81
CA LEU B 179 -8.00 -22.62 -0.34
C LEU B 179 -6.54 -22.23 -0.56
N ASN B 180 -5.82 -21.97 0.53
CA ASN B 180 -4.41 -21.66 0.38
C ASN B 180 -3.66 -22.85 -0.22
N LYS B 181 -3.91 -24.03 0.34
CA LYS B 181 -3.50 -25.31 -0.23
C LYS B 181 -3.79 -25.33 -1.73
N PHE B 182 -5.04 -25.06 -2.11
CA PHE B 182 -5.45 -25.16 -3.51
C PHE B 182 -4.68 -24.19 -4.42
N TRP B 183 -4.50 -22.92 -3.99
CA TRP B 183 -3.81 -21.95 -4.85
C TRP B 183 -2.47 -22.46 -5.38
N LEU B 184 -1.71 -23.17 -4.54
CA LEU B 184 -0.43 -23.78 -4.95
C LEU B 184 -0.53 -24.63 -6.22
N GLN B 185 -1.61 -25.39 -6.40
CA GLN B 185 -1.73 -26.27 -7.56
C GLN B 185 -2.44 -25.60 -8.75
N CYS B 186 -2.44 -24.27 -8.82
CA CYS B 186 -3.19 -23.52 -9.82
C CYS B 186 -2.26 -22.83 -10.82
N GLY B 187 -0.96 -22.91 -10.62
CA GLY B 187 -0.05 -22.35 -11.60
C GLY B 187 -0.16 -23.07 -12.94
N ASN B 188 0.09 -22.30 -13.99
CA ASN B 188 0.16 -22.84 -15.33
C ASN B 188 1.61 -22.86 -15.78
N PRO B 189 2.18 -24.05 -16.00
CA PRO B 189 3.60 -24.14 -16.39
C PRO B 189 3.93 -23.54 -17.74
N GLU B 190 2.95 -23.21 -18.59
CA GLU B 190 3.20 -22.63 -19.90
C GLU B 190 3.06 -21.12 -19.91
N ALA B 191 2.60 -20.53 -18.82
CA ALA B 191 2.19 -19.14 -18.79
C ALA B 191 3.34 -18.20 -18.48
N PHE B 192 3.43 -17.13 -19.25
CA PHE B 192 4.36 -16.02 -19.07
C PHE B 192 3.72 -14.91 -18.25
N VAL B 193 2.40 -14.95 -18.08
CA VAL B 193 1.65 -13.88 -17.44
C VAL B 193 0.27 -14.42 -17.05
N TYR B 194 -0.23 -13.96 -15.94
CA TYR B 194 -1.56 -14.25 -15.45
C TYR B 194 -2.35 -12.95 -15.55
N HIS B 195 -3.63 -13.05 -15.85
CA HIS B 195 -4.45 -11.86 -15.98
C HIS B 195 -5.83 -12.10 -15.38
N TRP B 196 -6.31 -11.17 -14.56
CA TRP B 196 -7.70 -11.26 -14.15
C TRP B 196 -8.23 -9.85 -13.93
N VAL B 197 -9.54 -9.68 -14.11
CA VAL B 197 -10.21 -8.39 -13.96
C VAL B 197 -11.01 -8.40 -12.67
N MET B 198 -10.91 -7.34 -11.91
CA MET B 198 -11.70 -7.20 -10.71
C MET B 198 -13.10 -6.69 -11.05
N PRO B 199 -14.07 -6.83 -10.14
CA PRO B 199 -15.45 -6.41 -10.47
C PRO B 199 -15.61 -4.92 -10.62
N ASP B 200 -14.60 -4.09 -10.33
CA ASP B 200 -14.76 -2.66 -10.59
C ASP B 200 -13.99 -2.27 -11.83
N GLY B 201 -13.47 -3.27 -12.56
CA GLY B 201 -12.87 -3.11 -13.87
C GLY B 201 -11.35 -3.06 -13.87
N PHE B 202 -10.71 -3.10 -12.70
CA PHE B 202 -9.25 -3.07 -12.65
C PHE B 202 -8.67 -4.34 -13.25
N ASN B 203 -7.75 -4.17 -14.21
CA ASN B 203 -7.05 -5.27 -14.86
C ASN B 203 -5.73 -5.58 -14.17
N VAL B 204 -5.63 -6.77 -13.59
CA VAL B 204 -4.40 -7.24 -12.95
C VAL B 204 -3.61 -8.10 -13.92
N TYR B 205 -2.36 -7.71 -14.19
CA TYR B 205 -1.42 -8.50 -14.96
C TYR B 205 -0.21 -8.85 -14.11
N ILE B 206 0.08 -10.15 -13.93
CA ILE B 206 1.28 -10.57 -13.20
C ILE B 206 2.22 -11.27 -14.19
N LYS B 207 3.31 -10.62 -14.55
CA LYS B 207 4.31 -11.25 -15.40
C LYS B 207 5.15 -12.23 -14.58
N VAL B 208 5.37 -13.43 -15.12
CA VAL B 208 6.16 -14.45 -14.43
C VAL B 208 7.63 -14.16 -14.68
N MET B 209 8.38 -13.83 -13.61
CA MET B 209 9.79 -13.46 -13.66
C MET B 209 10.62 -14.49 -12.91
N VAL B 210 11.58 -15.12 -13.59
CA VAL B 210 12.38 -16.21 -13.06
C VAL B 210 13.86 -15.79 -13.00
N ASN B 211 14.60 -16.33 -12.01
CA ASN B 211 16.04 -16.08 -11.85
C ASN B 211 16.90 -16.67 -12.97
N GLU B 212 17.71 -15.83 -13.61
CA GLU B 212 18.79 -16.23 -14.51
C GLU B 212 20.10 -15.88 -13.81
N VAL B 213 20.93 -16.87 -13.53
CA VAL B 213 22.18 -16.65 -12.80
C VAL B 213 23.38 -16.86 -13.73
N GLU B 214 24.06 -15.77 -14.09
CA GLU B 214 25.32 -15.86 -14.81
C GLU B 214 26.47 -15.89 -13.80
N THR B 215 27.39 -16.83 -13.97
CA THR B 215 28.51 -16.95 -13.04
C THR B 215 29.73 -16.26 -13.63
N VAL B 216 30.54 -15.66 -12.76
CA VAL B 216 31.61 -14.78 -13.20
C VAL B 216 32.83 -15.04 -12.35
N HIS B 217 34.01 -14.88 -12.96
CA HIS B 217 35.28 -14.98 -12.26
C HIS B 217 35.94 -13.61 -12.20
N PHE B 218 36.40 -13.23 -11.00
CA PHE B 218 37.08 -11.96 -10.75
C PHE B 218 38.20 -12.18 -9.74
N LEU B 219 39.45 -12.16 -10.22
CA LEU B 219 40.64 -12.58 -9.45
C LEU B 219 40.63 -14.08 -9.14
N ASP B 220 40.23 -14.90 -10.11
CA ASP B 220 40.18 -16.36 -9.97
C ASP B 220 39.35 -16.82 -8.77
N LYS B 221 38.47 -15.96 -8.25
CA LYS B 221 37.47 -16.28 -7.25
C LYS B 221 36.04 -16.22 -7.84
N PRO B 222 35.12 -17.11 -7.47
CA PRO B 222 33.78 -17.14 -8.11
C PRO B 222 32.71 -16.24 -7.51
N TYR B 223 31.92 -15.61 -8.41
CA TYR B 223 30.79 -14.75 -8.04
C TYR B 223 29.58 -15.06 -8.91
N ASP B 224 28.42 -15.26 -8.28
CA ASP B 224 27.16 -15.54 -8.99
C ASP B 224 26.36 -14.26 -9.23
N CYS B 225 26.02 -13.97 -10.50
CA CYS B 225 25.32 -12.72 -10.87
C CYS B 225 23.90 -13.04 -11.34
N VAL B 226 22.92 -12.86 -10.45
CA VAL B 226 21.53 -13.27 -10.65
C VAL B 226 20.68 -12.07 -11.08
N ARG B 227 20.00 -12.20 -12.24
CA ARG B 227 19.07 -11.19 -12.73
C ARG B 227 17.71 -11.77 -13.10
N LYS B 228 16.64 -11.15 -12.58
CA LYS B 228 15.26 -11.51 -12.93
C LYS B 228 14.99 -11.42 -14.45
N VAL B 229 14.50 -12.50 -15.05
CA VAL B 229 14.13 -12.55 -16.46
C VAL B 229 12.71 -13.08 -16.60
N GLN B 230 11.98 -12.63 -17.62
CA GLN B 230 10.65 -13.17 -17.90
C GLN B 230 10.75 -14.62 -18.37
N GLY B 231 9.87 -15.48 -17.85
CA GLY B 231 9.88 -16.89 -18.18
C GLY B 231 8.64 -17.60 -17.67
N THR B 232 8.77 -18.91 -17.48
CA THR B 232 7.70 -19.76 -16.94
C THR B 232 8.24 -20.51 -15.71
N GLU B 233 7.38 -21.24 -15.03
CA GLU B 233 7.83 -21.98 -13.85
C GLU B 233 6.85 -23.12 -13.60
N GLU B 234 7.38 -24.22 -13.04
CA GLU B 234 6.58 -25.44 -12.86
C GLU B 234 5.49 -25.27 -11.80
N LYS B 235 5.86 -24.93 -10.57
CA LYS B 235 4.88 -24.51 -9.58
C LYS B 235 4.89 -22.98 -9.53
N THR B 236 3.93 -22.38 -8.83
CA THR B 236 4.09 -20.98 -8.46
C THR B 236 3.38 -20.75 -7.13
N ARG B 237 4.02 -19.98 -6.27
CA ARG B 237 3.58 -19.74 -4.91
C ARG B 237 2.94 -18.36 -4.75
N MET B 238 2.73 -17.66 -5.85
CA MET B 238 2.35 -16.25 -5.83
C MET B 238 0.83 -15.98 -5.90
N LEU B 239 0.01 -16.96 -6.29
CA LEU B 239 -1.37 -16.62 -6.60
C LEU B 239 -2.18 -16.23 -5.37
N SER B 240 -1.95 -16.89 -4.23
CA SER B 240 -2.76 -16.55 -3.07
C SER B 240 -2.52 -15.10 -2.66
N ALA B 241 -1.25 -14.69 -2.58
CA ALA B 241 -0.94 -13.32 -2.16
C ALA B 241 -1.48 -12.31 -3.16
N ASN B 242 -1.20 -12.54 -4.46
CA ASN B 242 -1.63 -11.60 -5.49
C ASN B 242 -3.15 -11.52 -5.59
N THR B 243 -3.86 -12.65 -5.53
CA THR B 243 -5.32 -12.55 -5.59
C THR B 243 -5.84 -11.82 -4.37
N THR B 244 -5.41 -12.22 -3.17
CA THR B 244 -5.84 -11.54 -1.95
C THR B 244 -5.50 -10.06 -1.99
N HIS B 245 -4.29 -9.70 -2.42
CA HIS B 245 -3.95 -8.29 -2.45
C HIS B 245 -4.76 -7.55 -3.49
N SER B 246 -5.13 -8.21 -4.60
CA SER B 246 -5.96 -7.50 -5.57
C SER B 246 -7.31 -7.20 -4.94
N ILE B 247 -7.77 -8.06 -4.01
CA ILE B 247 -9.08 -7.84 -3.42
C ILE B 247 -9.03 -6.74 -2.36
N ASP B 248 -7.98 -6.69 -1.52
CA ASP B 248 -7.93 -5.55 -0.61
C ASP B 248 -7.71 -4.26 -1.41
N GLY B 249 -6.99 -4.36 -2.54
CA GLY B 249 -6.92 -3.23 -3.44
C GLY B 249 -8.31 -2.77 -3.88
N LEU B 250 -9.14 -3.73 -4.28
CA LEU B 250 -10.52 -3.45 -4.63
C LEU B 250 -11.29 -2.82 -3.48
N VAL B 251 -11.15 -3.37 -2.26
CA VAL B 251 -11.88 -2.80 -1.13
C VAL B 251 -11.49 -1.33 -0.90
N VAL B 252 -10.20 -1.00 -1.07
CA VAL B 252 -9.77 0.40 -0.95
C VAL B 252 -10.46 1.28 -1.98
N ARG B 253 -10.36 0.91 -3.26
CA ARG B 253 -10.99 1.73 -4.29
C ARG B 253 -12.47 1.88 -4.02
N GLU B 254 -13.15 0.77 -3.68
CA GLU B 254 -14.60 0.86 -3.56
C GLU B 254 -15.02 1.62 -2.31
N LEU B 255 -14.35 1.38 -1.18
CA LEU B 255 -14.63 2.15 0.02
C LEU B 255 -14.43 3.65 -0.21
N VAL B 256 -13.37 4.03 -0.93
CA VAL B 256 -13.17 5.46 -1.16
C VAL B 256 -14.25 5.98 -2.10
N ARG B 257 -14.72 5.15 -3.06
CA ARG B 257 -15.81 5.58 -3.94
C ARG B 257 -17.09 5.85 -3.17
N ARG B 258 -17.38 5.02 -2.16
CA ARG B 258 -18.63 5.15 -1.42
C ARG B 258 -18.60 6.22 -0.37
N CYS B 259 -17.41 6.59 0.14
CA CYS B 259 -17.23 7.59 1.19
C CYS B 259 -16.96 8.99 0.64
N ASP B 260 -16.03 9.10 -0.30
CA ASP B 260 -15.62 10.41 -0.81
C ASP B 260 -16.33 10.69 -2.13
N TYR B 261 -17.66 10.81 -2.08
CA TYR B 261 -18.43 10.84 -3.31
C TYR B 261 -18.78 12.28 -3.69
N ASP B 262 -19.20 12.45 -4.95
CA ASP B 262 -19.59 13.74 -5.48
C ASP B 262 -21.07 13.90 -5.24
N LYS B 263 -21.43 14.85 -4.38
CA LYS B 263 -22.83 14.98 -3.96
C LYS B 263 -23.73 15.29 -5.16
N ASN B 264 -23.23 16.09 -6.11
CA ASN B 264 -24.00 16.41 -7.31
C ASN B 264 -24.16 15.21 -8.25
N GLN B 265 -23.14 14.35 -8.38
CA GLN B 265 -23.31 13.12 -9.14
C GLN B 265 -24.38 12.22 -8.51
N ILE B 266 -24.38 12.05 -7.19
CA ILE B 266 -25.37 11.17 -6.56
C ILE B 266 -26.79 11.64 -6.90
N GLU B 267 -27.06 12.95 -6.80
CA GLU B 267 -28.41 13.43 -7.06
C GLU B 267 -28.82 13.25 -8.53
N TYR B 268 -27.88 13.43 -9.47
CA TYR B 268 -28.17 13.09 -10.86
C TYR B 268 -28.55 11.61 -11.03
N ILE B 269 -27.78 10.67 -10.45
CA ILE B 269 -28.08 9.25 -10.59
C ILE B 269 -29.43 8.91 -9.97
N LYS B 270 -29.77 9.56 -8.83
CA LYS B 270 -31.06 9.30 -8.20
C LYS B 270 -32.20 9.74 -9.12
N ALA B 271 -32.06 10.90 -9.75
CA ALA B 271 -33.06 11.35 -10.71
C ALA B 271 -33.09 10.42 -11.91
N LEU B 272 -31.90 10.07 -12.43
CA LEU B 272 -31.83 9.16 -13.57
C LEU B 272 -32.58 7.86 -13.30
N CYS B 273 -32.40 7.32 -12.10
CA CYS B 273 -33.10 6.09 -11.75
C CYS B 273 -34.62 6.28 -11.67
N ASN B 274 -35.09 7.49 -11.37
CA ASN B 274 -36.53 7.75 -11.25
C ASN B 274 -37.13 8.41 -12.48
N GLY B 275 -36.43 8.34 -13.62
CA GLY B 275 -36.96 8.91 -14.85
C GLY B 275 -37.09 10.42 -14.90
N GLU B 276 -36.39 11.16 -14.04
CA GLU B 276 -36.56 12.61 -13.95
C GLU B 276 -35.37 13.40 -14.48
N ALA B 277 -34.42 12.76 -15.15
CA ALA B 277 -33.23 13.46 -15.64
C ALA B 277 -33.44 13.94 -17.06
N GLU B 278 -32.93 15.12 -17.37
CA GLU B 278 -32.94 15.58 -18.75
C GLU B 278 -32.13 14.61 -19.62
N TYR B 279 -32.58 14.41 -20.86
CA TYR B 279 -31.96 13.41 -21.73
C TYR B 279 -30.47 13.69 -21.94
N LYS B 280 -29.65 12.66 -21.75
CA LYS B 280 -28.19 12.73 -21.90
C LYS B 280 -27.72 11.32 -22.23
N ALA B 281 -26.91 11.19 -23.27
CA ALA B 281 -26.48 9.86 -23.69
C ALA B 281 -25.16 9.93 -24.43
N SER B 282 -24.27 8.97 -24.13
CA SER B 282 -23.04 8.81 -24.90
C SER B 282 -22.76 7.34 -25.23
N GLU B 283 -22.52 7.04 -26.52
CA GLU B 283 -22.31 5.66 -26.94
C GLU B 283 -21.11 5.04 -26.25
N LYS B 284 -20.12 5.85 -25.87
CA LYS B 284 -18.92 5.34 -25.24
C LYS B 284 -19.20 4.79 -23.84
N ASN B 285 -20.27 5.25 -23.20
CA ASN B 285 -20.67 4.78 -21.89
C ASN B 285 -21.19 3.35 -21.91
N TYR B 286 -21.69 2.90 -23.04
CA TYR B 286 -22.42 1.64 -23.08
C TYR B 286 -21.53 0.46 -22.74
N GLY B 287 -20.39 0.35 -23.41
CA GLY B 287 -19.49 -0.78 -23.17
C GLY B 287 -19.16 -0.98 -21.72
N LYS B 288 -18.69 0.09 -21.06
CA LYS B 288 -18.31 0.04 -19.66
C LYS B 288 -19.49 -0.22 -18.73
N ALA B 289 -20.64 0.43 -18.98
CA ALA B 289 -21.81 0.14 -18.17
C ALA B 289 -22.19 -1.35 -18.26
N MET B 290 -22.11 -1.91 -19.46
CA MET B 290 -22.44 -3.32 -19.63
C MET B 290 -21.43 -4.17 -18.88
N GLU B 291 -20.15 -3.83 -19.02
CA GLU B 291 -19.10 -4.62 -18.41
C GLU B 291 -19.24 -4.68 -16.89
N LEU B 292 -19.43 -3.49 -16.26
CA LEU B 292 -19.52 -3.42 -14.81
C LEU B 292 -20.81 -4.05 -14.31
N TRP B 293 -21.92 -3.89 -15.06
CA TRP B 293 -23.15 -4.52 -14.63
C TRP B 293 -22.99 -6.03 -14.69
N GLY B 294 -22.31 -6.51 -15.72
CA GLY B 294 -22.06 -7.94 -15.83
C GLY B 294 -21.29 -8.49 -14.64
N TYR B 295 -20.24 -7.76 -14.18
CA TYR B 295 -19.47 -8.23 -13.03
C TYR B 295 -20.38 -8.28 -11.82
N TYR B 296 -21.30 -7.33 -11.70
CA TYR B 296 -22.24 -7.39 -10.58
C TYR B 296 -23.05 -8.68 -10.65
N GLU B 297 -23.63 -8.99 -11.83
CA GLU B 297 -24.42 -10.21 -11.96
C GLU B 297 -23.62 -11.45 -11.56
N LYS B 298 -22.35 -11.54 -12.01
CA LYS B 298 -21.57 -12.74 -11.72
C LYS B 298 -21.02 -12.81 -10.30
N THR B 299 -21.08 -11.74 -9.49
CA THR B 299 -20.26 -11.66 -8.26
C THR B 299 -21.00 -11.09 -7.07
N GLY B 300 -22.01 -10.24 -7.24
CA GLY B 300 -22.66 -9.63 -6.12
C GLY B 300 -22.03 -8.31 -5.73
N PHE B 301 -20.88 -7.97 -6.34
CA PHE B 301 -20.12 -6.75 -6.06
C PHE B 301 -20.56 -5.67 -7.04
N LEU B 302 -21.47 -4.79 -6.62
CA LEU B 302 -21.87 -3.64 -7.43
C LEU B 302 -20.95 -2.46 -7.12
N THR B 303 -20.19 -2.01 -8.12
CA THR B 303 -19.30 -0.90 -7.83
C THR B 303 -19.97 0.44 -8.08
N ALA B 304 -19.79 1.38 -7.14
CA ALA B 304 -20.30 2.71 -7.38
C ALA B 304 -19.59 3.36 -8.56
N ARG B 305 -18.51 2.73 -9.05
CA ARG B 305 -17.87 3.25 -10.25
C ARG B 305 -18.90 3.33 -11.39
N ILE B 306 -19.93 2.48 -11.35
CA ILE B 306 -20.86 2.41 -12.46
C ILE B 306 -21.55 3.76 -12.66
N PHE B 307 -21.70 4.57 -11.60
CA PHE B 307 -22.26 5.91 -11.70
C PHE B 307 -21.64 6.75 -12.82
N ASP B 308 -20.34 6.56 -13.09
CA ASP B 308 -19.64 7.29 -14.14
C ASP B 308 -20.16 7.01 -15.54
N TYR B 309 -20.87 5.89 -15.74
CA TYR B 309 -21.29 5.45 -17.06
C TYR B 309 -22.80 5.33 -17.23
N LEU B 310 -23.61 5.71 -16.24
CA LEU B 310 -25.07 5.67 -16.35
C LEU B 310 -25.62 6.92 -17.01
N ASP B 311 -26.38 6.76 -18.11
CA ASP B 311 -27.06 7.91 -18.73
C ASP B 311 -28.44 7.43 -19.18
N SER B 312 -29.16 8.30 -19.90
CA SER B 312 -30.55 8.02 -20.27
C SER B 312 -30.70 6.69 -21.00
N GLU B 313 -29.72 6.35 -21.84
CA GLU B 313 -29.73 5.12 -22.60
C GLU B 313 -29.14 3.94 -21.81
N THR B 314 -28.14 4.22 -21.01
CA THR B 314 -27.41 3.17 -20.32
C THR B 314 -28.13 2.66 -19.07
N ILE B 315 -28.95 3.51 -18.44
CA ILE B 315 -29.73 3.11 -17.27
C ILE B 315 -30.69 1.99 -17.60
N LYS B 316 -31.01 1.84 -18.89
CA LYS B 316 -31.93 0.82 -19.36
C LYS B 316 -31.33 -0.56 -19.20
N LEU B 317 -30.01 -0.64 -19.15
CA LEU B 317 -29.38 -1.93 -19.09
C LEU B 317 -29.18 -2.45 -17.67
N VAL B 318 -29.37 -1.62 -16.65
CA VAL B 318 -29.23 -1.99 -15.26
C VAL B 318 -30.60 -2.05 -14.60
N ASN B 319 -30.64 -2.67 -13.43
CA ASN B 319 -31.80 -2.69 -12.54
C ASN B 319 -31.74 -1.43 -11.65
N THR B 320 -32.60 -0.45 -11.90
CA THR B 320 -32.54 0.81 -11.15
C THR B 320 -32.73 0.66 -9.64
N GLN B 321 -33.40 -0.40 -9.18
CA GLN B 321 -33.56 -0.53 -7.74
C GLN B 321 -32.26 -0.90 -7.07
N ASP B 322 -31.42 -1.68 -7.73
CA ASP B 322 -30.13 -2.01 -7.16
C ASP B 322 -29.25 -0.77 -7.04
N ILE B 323 -29.29 0.12 -8.04
CA ILE B 323 -28.55 1.39 -7.99
C ILE B 323 -29.01 2.27 -6.83
N LEU B 324 -30.33 2.45 -6.70
CA LEU B 324 -30.87 3.24 -5.59
C LEU B 324 -30.58 2.61 -4.23
N ASP B 325 -30.65 1.28 -4.12
CA ASP B 325 -30.33 0.62 -2.85
C ASP B 325 -28.88 0.88 -2.45
N LEU B 326 -27.97 0.80 -3.41
CA LEU B 326 -26.57 1.08 -3.16
C LEU B 326 -26.38 2.51 -2.66
N ILE B 327 -26.92 3.49 -3.41
CA ILE B 327 -26.85 4.89 -2.99
C ILE B 327 -27.42 5.08 -1.58
N GLU B 328 -28.53 4.42 -1.27
CA GLU B 328 -29.12 4.58 0.06
C GLU B 328 -28.22 3.98 1.14
N SER B 329 -27.36 3.02 0.79
CA SER B 329 -26.46 2.41 1.76
C SER B 329 -25.19 3.23 2.02
N MET B 330 -24.98 4.35 1.32
CA MET B 330 -23.77 5.14 1.41
C MET B 330 -23.91 6.19 2.52
N PRO B 331 -22.82 6.80 2.97
CA PRO B 331 -22.92 7.82 4.02
C PRO B 331 -23.73 9.02 3.58
N LYS B 332 -24.44 9.61 4.54
CA LYS B 332 -25.33 10.74 4.23
C LYS B 332 -24.55 12.01 3.95
N LYS B 333 -23.33 12.13 4.48
CA LYS B 333 -22.44 13.22 4.10
C LYS B 333 -21.12 12.61 3.65
N PRO B 334 -20.58 13.03 2.51
CA PRO B 334 -19.32 12.44 2.00
C PRO B 334 -18.11 12.88 2.83
N PHE B 335 -17.03 12.11 2.75
CA PHE B 335 -15.83 12.51 3.47
C PHE B 335 -14.57 11.93 2.81
N HIS B 336 -13.43 12.58 3.06
CA HIS B 336 -12.16 12.11 2.54
C HIS B 336 -11.63 10.96 3.37
N VAL B 337 -10.97 10.00 2.71
CA VAL B 337 -10.38 8.85 3.37
C VAL B 337 -8.98 8.64 2.85
N LEU B 338 -8.01 8.54 3.75
CA LEU B 338 -6.64 8.22 3.40
C LEU B 338 -6.49 6.74 3.73
N THR B 339 -5.77 5.99 2.89
CA THR B 339 -5.70 4.54 3.07
C THR B 339 -4.26 4.07 2.97
N VAL B 340 -3.88 3.15 3.84
CA VAL B 340 -2.58 2.48 3.71
C VAL B 340 -2.88 1.00 3.54
N HIS B 341 -3.49 0.68 2.41
CA HIS B 341 -3.84 -0.67 1.96
C HIS B 341 -4.91 -1.32 2.82
N ASP B 342 -4.71 -1.36 4.13
CA ASP B 342 -5.78 -1.89 4.98
C ASP B 342 -5.86 -1.11 6.28
N CYS B 343 -5.23 0.07 6.33
CA CYS B 343 -5.40 1.09 7.35
C CYS B 343 -6.26 2.21 6.75
N PHE B 344 -7.17 2.76 7.54
CA PHE B 344 -8.06 3.80 7.06
C PHE B 344 -8.10 4.99 8.02
N ARG B 345 -7.96 6.20 7.48
CA ARG B 345 -7.97 7.42 8.29
C ARG B 345 -9.00 8.39 7.77
N CYS B 346 -9.77 8.97 8.67
CA CYS B 346 -10.77 9.97 8.31
C CYS B 346 -10.97 10.87 9.52
N LEU B 347 -11.60 12.03 9.29
CA LEU B 347 -12.04 12.87 10.39
C LEU B 347 -12.89 12.06 11.38
N PRO B 348 -12.78 12.29 12.69
CA PRO B 348 -13.43 11.37 13.62
C PRO B 348 -14.95 11.43 13.56
N ASN B 349 -15.55 12.49 13.02
CA ASN B 349 -17.01 12.51 12.92
C ASN B 349 -17.51 11.67 11.77
N TYR B 350 -16.64 10.86 11.16
CA TYR B 350 -17.08 9.91 10.14
C TYR B 350 -16.69 8.48 10.50
N GLY B 351 -16.04 8.27 11.64
CA GLY B 351 -15.78 6.96 12.21
C GLY B 351 -16.88 5.92 12.04
N ASN B 352 -18.11 6.28 12.45
CA ASN B 352 -19.23 5.36 12.30
C ASN B 352 -19.44 4.97 10.84
N ASP B 353 -19.39 5.95 9.95
CA ASP B 353 -19.62 5.69 8.52
C ASP B 353 -18.55 4.76 7.93
N ILE B 354 -17.30 4.95 8.31
CA ILE B 354 -16.24 4.18 7.65
C ILE B 354 -16.31 2.73 8.08
N ARG B 355 -16.74 2.47 9.31
CA ARG B 355 -16.87 1.10 9.77
C ARG B 355 -18.07 0.41 9.13
N ARG B 356 -19.18 1.14 8.97
CA ARG B 356 -20.33 0.63 8.23
C ARG B 356 -19.95 0.29 6.79
N GLN B 357 -19.13 1.14 6.14
CA GLN B 357 -18.77 0.86 4.75
C GLN B 357 -17.80 -0.32 4.64
N TYR B 358 -16.88 -0.44 5.58
CA TYR B 358 -15.99 -1.61 5.54
C TYR B 358 -16.78 -2.89 5.73
N ASN B 359 -17.58 -2.96 6.81
CA ASN B 359 -18.51 -4.07 7.03
C ASN B 359 -19.32 -4.45 5.77
N ASN B 360 -19.97 -3.47 5.11
CA ASN B 360 -20.72 -3.81 3.88
C ASN B 360 -19.87 -4.50 2.84
N LEU B 361 -18.60 -4.10 2.70
CA LEU B 361 -17.76 -4.69 1.65
C LEU B 361 -17.38 -6.11 2.00
N LEU B 362 -16.94 -6.33 3.24
CA LEU B 362 -16.69 -7.71 3.69
C LEU B 362 -17.93 -8.57 3.49
N ALA B 363 -19.12 -8.04 3.89
CA ALA B 363 -20.36 -8.80 3.74
C ALA B 363 -20.65 -9.08 2.27
N THR B 364 -20.40 -8.10 1.39
CA THR B 364 -20.59 -8.32 -0.05
C THR B 364 -19.69 -9.45 -0.52
N ILE B 365 -18.41 -9.42 -0.12
CA ILE B 365 -17.50 -10.48 -0.53
C ILE B 365 -17.96 -11.81 0.03
N ALA B 366 -18.39 -11.81 1.28
CA ALA B 366 -18.89 -13.04 1.90
C ALA B 366 -20.09 -13.62 1.16
N LYS B 367 -21.10 -12.79 0.86
CA LYS B 367 -22.30 -13.30 0.20
C LYS B 367 -22.08 -13.87 -1.19
N GLY B 368 -21.20 -13.26 -1.98
CA GLY B 368 -21.15 -13.52 -3.41
C GLY B 368 -20.04 -14.45 -3.85
N ASP B 369 -19.78 -14.43 -5.14
CA ASP B 369 -18.99 -15.44 -5.81
C ASP B 369 -17.71 -14.84 -6.40
N LEU B 370 -17.09 -13.87 -5.71
CA LEU B 370 -15.88 -13.24 -6.27
C LEU B 370 -14.75 -14.24 -6.46
N LEU B 371 -14.65 -15.24 -5.57
CA LEU B 371 -13.53 -16.18 -5.65
C LEU B 371 -13.59 -17.00 -6.92
N SER B 372 -14.73 -17.62 -7.20
CA SER B 372 -14.92 -18.34 -8.46
C SER B 372 -14.62 -17.44 -9.64
N PHE B 373 -15.11 -16.21 -9.57
CA PHE B 373 -14.96 -15.28 -10.67
C PHE B 373 -13.50 -14.98 -10.92
N ILE B 374 -12.70 -14.89 -9.85
CA ILE B 374 -11.29 -14.62 -10.05
C ILE B 374 -10.54 -15.88 -10.40
N MET B 375 -10.85 -16.99 -9.75
CA MET B 375 -10.08 -18.21 -10.03
C MET B 375 -10.26 -18.69 -11.46
N SER B 376 -11.47 -18.57 -11.99
CA SER B 376 -11.74 -18.97 -13.36
C SER B 376 -10.82 -18.25 -14.35
N GLN B 377 -10.56 -16.94 -14.12
CA GLN B 377 -9.66 -16.23 -15.02
C GLN B 377 -8.21 -16.66 -14.82
N VAL B 378 -7.84 -16.95 -13.56
CA VAL B 378 -6.47 -17.36 -13.25
C VAL B 378 -6.13 -18.71 -13.91
N ILE B 379 -6.99 -19.72 -13.74
CA ILE B 379 -6.70 -21.07 -14.23
C ILE B 379 -7.19 -21.30 -15.65
N GLY B 380 -7.96 -20.39 -16.22
CA GLY B 380 -8.31 -20.52 -17.62
C GLY B 380 -9.52 -21.36 -17.95
N GLN B 381 -10.36 -21.70 -16.98
CA GLN B 381 -11.58 -22.42 -17.28
C GLN B 381 -12.57 -22.14 -16.16
N GLU B 382 -13.86 -22.33 -16.46
CA GLU B 382 -14.89 -22.10 -15.46
C GLU B 382 -14.73 -23.08 -14.33
N VAL B 383 -14.61 -22.55 -13.12
CA VAL B 383 -14.63 -23.33 -11.91
C VAL B 383 -15.65 -22.64 -11.00
N THR B 384 -16.17 -23.38 -10.03
CA THR B 384 -17.01 -22.82 -8.98
C THR B 384 -16.59 -23.38 -7.63
N ILE B 385 -16.22 -22.47 -6.73
CA ILE B 385 -15.98 -22.81 -5.34
C ILE B 385 -17.19 -22.38 -4.52
N GLY B 386 -17.61 -23.22 -3.59
CA GLY B 386 -18.78 -22.95 -2.81
C GLY B 386 -18.39 -22.38 -1.47
N LYS B 387 -19.36 -21.73 -0.84
CA LYS B 387 -19.19 -21.24 0.52
C LYS B 387 -19.27 -22.40 1.51
N LEU B 388 -18.45 -22.35 2.55
CA LEU B 388 -18.57 -23.40 3.55
C LEU B 388 -19.74 -23.11 4.50
N ASP B 389 -20.05 -21.83 4.72
CA ASP B 389 -21.27 -21.40 5.42
C ASP B 389 -21.88 -20.27 4.61
N PRO B 390 -22.88 -20.57 3.77
CA PRO B 390 -23.46 -19.55 2.89
C PRO B 390 -24.19 -18.43 3.60
N THR B 391 -24.34 -18.46 4.93
CA THR B 391 -25.04 -17.38 5.64
C THR B 391 -24.09 -16.48 6.40
N LEU B 392 -22.78 -16.76 6.35
CA LEU B 392 -21.81 -15.95 7.05
C LEU B 392 -22.02 -14.46 6.82
N TRP B 393 -22.34 -14.08 5.57
CA TRP B 393 -22.49 -12.66 5.24
C TRP B 393 -23.54 -11.97 6.11
N GLU B 394 -24.54 -12.69 6.61
CA GLU B 394 -25.57 -12.06 7.44
C GLU B 394 -24.94 -11.55 8.74
N ASP B 395 -24.01 -12.31 9.29
CA ASP B 395 -23.34 -11.92 10.51
C ASP B 395 -22.26 -10.87 10.25
N VAL B 396 -21.68 -10.89 9.05
CA VAL B 396 -20.63 -9.94 8.71
C VAL B 396 -21.12 -8.51 8.81
N LEU B 397 -22.36 -8.26 8.39
CA LEU B 397 -22.89 -6.89 8.40
C LEU B 397 -22.83 -6.25 9.76
N GLU B 398 -22.94 -7.06 10.81
CA GLU B 398 -23.10 -6.61 12.19
C GLU B 398 -21.83 -6.76 13.02
N THR B 399 -20.74 -7.23 12.42
CA THR B 399 -19.51 -7.51 13.15
C THR B 399 -18.96 -6.22 13.76
N GLU B 400 -18.21 -6.35 14.86
CA GLU B 400 -17.90 -5.21 15.73
C GLU B 400 -16.52 -4.61 15.48
N TYR B 401 -15.48 -5.45 15.32
CA TYR B 401 -14.08 -5.01 15.29
C TYR B 401 -13.36 -5.30 13.97
N ALA B 402 -14.06 -5.43 12.83
CA ALA B 402 -13.37 -5.65 11.55
C ALA B 402 -12.27 -4.62 11.33
N LEU B 403 -12.62 -3.34 11.51
CA LEU B 403 -11.66 -2.26 11.70
C LEU B 403 -11.61 -1.98 13.19
N SER B 404 -10.41 -1.84 13.74
CA SER B 404 -10.21 -1.56 15.16
C SER B 404 -9.19 -0.45 15.41
PG GTP E . 0.96 -5.48 13.74
O1G GTP E . 2.37 -5.69 13.21
O2G GTP E . 1.01 -5.55 15.26
O3G GTP E . 0.42 -4.14 13.31
O3B GTP E . 0.01 -6.68 13.23
PB GTP E . -1.17 -6.45 12.14
O1B GTP E . -1.95 -7.73 11.90
O2B GTP E . -2.11 -5.32 12.53
O3A GTP E . -0.33 -6.05 10.81
PA GTP E . 0.07 -7.08 9.64
O1A GTP E . 0.02 -8.52 10.11
O2A GTP E . 1.44 -6.73 9.07
O5' GTP E . -1.10 -6.85 8.56
C5' GTP E . -1.72 -7.95 7.93
C4' GTP E . -1.59 -7.76 6.44
O4' GTP E . -0.36 -7.08 6.17
C3' GTP E . -1.53 -9.06 5.69
O3' GTP E . -2.81 -9.49 5.25
C2' GTP E . -0.62 -8.73 4.53
O2' GTP E . -1.40 -8.33 3.41
C1' GTP E . 0.27 -7.58 5.01
N9 GTP E . 1.61 -8.10 5.40
C8 GTP E . 2.39 -7.72 6.48
N7 GTP E . 3.54 -8.43 6.49
C5 GTP E . 3.52 -9.28 5.42
C6 GTP E . 4.43 -10.23 4.94
O6 GTP E . 5.51 -10.43 5.52
N1 GTP E . 4.11 -10.94 3.78
C2 GTP E . 2.91 -10.71 3.11
N2 GTP E . 2.55 -11.37 2.00
N3 GTP E . 2.04 -9.77 3.60
C4 GTP E . 2.33 -9.07 4.73
MG MG F . -0.28 -1.21 13.16
MG MG G . 15.45 -7.09 1.47
MG MG H . 8.22 -5.63 7.06
#